data_2JAP
#
_entry.id   2JAP
#
_cell.length_a   58.076
_cell.length_b   123.423
_cell.length_c   126.780
_cell.angle_alpha   90.00
_cell.angle_beta   90.00
_cell.angle_gamma   90.00
#
_symmetry.space_group_name_H-M   'P 21 21 21'
#
loop_
_entity.id
_entity.type
_entity.pdbx_description
1 polymer 'CLAVALDEHYDE DEHYDROGENASE'
2 non-polymer 'NADPH DIHYDRO-NICOTINAMIDE-ADENINE-DINUCLEOTIDE PHOSPHATE'
3 non-polymer '(2R,3Z,5R)-3-(2-HYDROXYETHYLIDENE)-7-OXO-4-OXA-1-AZABICYCLO[3.2.0]HEPTANE-2-CARBOXYLIC ACID'
4 water water
#
_entity_poly.entity_id   1
_entity_poly.type   'polypeptide(L)'
_entity_poly.pdbx_seq_one_letter_code
;MPSALQGKVALITGASSGIGEATARALAAEGAAVAIAARRVEKLRALGDELTAAGAKVHVLELDVADRQGVDAAVASTVE
ALGGLDILVNNAGIMLLGPVEDADTTDWTRMIDTNLLGLMYMTRAALPHLLRSKGTVVQMSSIAGRVNVRNAAVYQATKF
GVNAFSETLRQEVTERGVRVVVIEPGTTDTELRGHITHTATKEMYEQRISQIRKLQAQDIAEAVRYAVTAPHHATVHEIF
IRPTDQV
;
_entity_poly.pdbx_strand_id   A,B,C,D
#
loop_
_chem_comp.id
_chem_comp.type
_chem_comp.name
_chem_comp.formula
J01 non-polymer '(2R,3Z,5R)-3-(2-HYDROXYETHYLIDENE)-7-OXO-4-OXA-1-AZABICYCLO[3.2.0]HEPTANE-2-CARBOXYLIC ACID' 'C8 H9 N O5'
NDP non-polymer 'NADPH DIHYDRO-NICOTINAMIDE-ADENINE-DINUCLEOTIDE PHOSPHATE' 'C21 H30 N7 O17 P3'
#
# COMPACT_ATOMS: atom_id res chain seq x y z
N SER A 3 0.20 22.25 30.04
CA SER A 3 -1.04 21.45 29.86
C SER A 3 -1.81 21.88 28.61
N ALA A 4 -1.52 21.19 27.51
CA ALA A 4 -2.03 21.53 26.19
C ALA A 4 -3.50 21.17 25.98
N LEU A 5 -4.07 20.37 26.91
CA LEU A 5 -5.41 19.83 26.74
C LEU A 5 -6.36 20.28 27.85
N GLN A 6 -5.98 21.36 28.53
CA GLN A 6 -6.79 21.93 29.59
C GLN A 6 -8.22 22.15 29.11
N GLY A 7 -9.20 21.66 29.87
CA GLY A 7 -10.60 21.84 29.54
C GLY A 7 -11.14 20.92 28.45
N LYS A 8 -10.31 20.02 27.94
CA LYS A 8 -10.73 19.03 26.93
C LYS A 8 -11.19 17.74 27.59
N VAL A 9 -12.10 17.03 26.92
CA VAL A 9 -12.56 15.73 27.40
C VAL A 9 -12.12 14.62 26.45
N ALA A 10 -11.47 13.60 27.01
CA ALA A 10 -11.06 12.42 26.26
C ALA A 10 -11.77 11.17 26.78
N LEU A 11 -12.32 10.39 25.85
CA LEU A 11 -12.87 9.07 26.16
C LEU A 11 -11.91 8.02 25.60
N ILE A 12 -11.40 7.15 26.48
CA ILE A 12 -10.43 6.12 26.09
C ILE A 12 -11.05 4.75 26.33
N THR A 13 -11.20 3.96 25.27
CA THR A 13 -11.67 2.59 25.40
C THR A 13 -10.46 1.68 25.62
N GLY A 14 -10.66 0.55 26.29
CA GLY A 14 -9.55 -0.32 26.64
C GLY A 14 -8.56 0.33 27.61
N ALA A 15 -9.09 1.01 28.61
CA ALA A 15 -8.27 1.83 29.50
C ALA A 15 -7.79 1.07 30.73
N SER A 16 -8.21 -0.19 30.88
CA SER A 16 -7.95 -0.95 32.09
C SER A 16 -6.53 -1.51 32.18
N SER A 17 -5.82 -1.53 31.05
CA SER A 17 -4.43 -1.98 31.01
C SER A 17 -3.73 -1.48 29.76
N GLY A 18 -2.43 -1.78 29.65
CA GLY A 18 -1.65 -1.57 28.43
C GLY A 18 -1.61 -0.15 27.88
N ILE A 19 -1.77 -0.06 26.56
CA ILE A 19 -1.68 1.21 25.85
C ILE A 19 -2.79 2.20 26.28
N GLY A 20 -4.01 1.70 26.47
CA GLY A 20 -5.15 2.54 26.87
C GLY A 20 -4.94 3.18 28.23
N GLU A 21 -4.38 2.40 29.17
CA GLU A 21 -4.04 2.90 30.49
C GLU A 21 -3.01 4.01 30.43
N ALA A 22 -1.93 3.79 29.68
CA ALA A 22 -0.87 4.78 29.51
C ALA A 22 -1.38 6.04 28.81
N THR A 23 -2.26 5.86 27.84
CA THR A 23 -2.84 6.97 27.08
C THR A 23 -3.73 7.82 27.97
N ALA A 24 -4.56 7.18 28.79
CA ALA A 24 -5.41 7.89 29.75
C ALA A 24 -4.59 8.73 30.73
N ARG A 25 -3.50 8.17 31.22
CA ARG A 25 -2.58 8.90 32.08
C ARG A 25 -1.95 10.10 31.37
N ALA A 26 -1.51 9.88 30.13
CA ALA A 26 -0.79 10.91 29.38
C ALA A 26 -1.71 12.09 29.09
N LEU A 27 -2.95 11.80 28.69
CA LEU A 27 -3.92 12.84 28.37
C LEU A 27 -4.35 13.61 29.61
N ALA A 28 -4.55 12.89 30.72
CA ALA A 28 -4.87 13.53 32.00
C ALA A 28 -3.73 14.43 32.46
N ALA A 29 -2.49 13.98 32.22
CA ALA A 29 -1.29 14.78 32.54
C ALA A 29 -1.24 16.09 31.75
N GLU A 30 -1.87 16.09 30.58
CA GLU A 30 -2.00 17.28 29.72
C GLU A 30 -3.21 18.15 30.10
N GLY A 31 -3.95 17.73 31.13
CA GLY A 31 -5.06 18.52 31.67
C GLY A 31 -6.43 18.11 31.17
N ALA A 32 -6.49 17.06 30.36
CA ALA A 32 -7.77 16.56 29.86
C ALA A 32 -8.55 15.81 30.95
N ALA A 33 -9.87 15.99 30.97
CA ALA A 33 -10.75 15.13 31.74
C ALA A 33 -10.85 13.82 30.98
N VAL A 34 -10.79 12.70 31.70
CA VAL A 34 -10.78 11.39 31.05
C VAL A 34 -11.94 10.48 31.47
N ALA A 35 -12.68 10.01 30.47
CA ALA A 35 -13.63 8.94 30.67
C ALA A 35 -12.91 7.66 30.29
N ILE A 36 -12.78 6.75 31.24
CA ILE A 36 -12.04 5.50 31.03
C ILE A 36 -13.00 4.32 30.96
N ALA A 37 -12.92 3.59 29.84
CA ALA A 37 -13.89 2.55 29.53
C ALA A 37 -13.22 1.20 29.28
N ALA A 38 -13.80 0.17 29.88
CA ALA A 38 -13.40 -1.23 29.66
C ALA A 38 -14.35 -2.14 30.44
N ARG A 39 -14.10 -3.44 30.40
CA ARG A 39 -14.97 -4.41 31.06
C ARG A 39 -14.58 -4.71 32.51
N ARG A 40 -13.28 -4.74 32.81
CA ARG A 40 -12.82 -4.97 34.20
C ARG A 40 -12.95 -3.69 35.01
N VAL A 41 -14.13 -3.52 35.62
CA VAL A 41 -14.47 -2.33 36.41
C VAL A 41 -13.46 -2.08 37.54
N GLU A 42 -13.07 -3.16 38.23
CA GLU A 42 -12.15 -3.10 39.35
C GLU A 42 -10.83 -2.42 38.98
N LYS A 43 -10.28 -2.77 37.82
CA LYS A 43 -9.04 -2.16 37.32
C LYS A 43 -9.23 -0.70 36.91
N LEU A 44 -10.38 -0.38 36.32
CA LEU A 44 -10.72 1.00 35.98
C LEU A 44 -10.86 1.88 37.22
N ARG A 45 -11.47 1.33 38.27
CA ARG A 45 -11.66 2.09 39.52
C ARG A 45 -10.32 2.38 40.18
N ALA A 46 -9.41 1.40 40.15
CA ALA A 46 -8.06 1.58 40.68
C ALA A 46 -7.29 2.67 39.92
N LEU A 47 -7.38 2.65 38.59
CA LEU A 47 -6.78 3.70 37.75
C LEU A 47 -7.47 5.04 38.00
N GLY A 48 -8.81 5.02 38.05
CA GLY A 48 -9.60 6.21 38.31
C GLY A 48 -9.22 6.89 39.62
N ASP A 49 -9.03 6.08 40.66
CA ASP A 49 -8.56 6.54 41.97
C ASP A 49 -7.19 7.22 41.86
N GLU A 50 -6.27 6.56 41.18
CA GLU A 50 -4.92 7.06 40.92
C GLU A 50 -4.94 8.43 40.24
N LEU A 51 -5.67 8.52 39.13
CA LEU A 51 -5.79 9.76 38.38
C LEU A 51 -6.48 10.88 39.15
N THR A 52 -7.57 10.55 39.85
CA THR A 52 -8.28 11.52 40.69
C THR A 52 -7.38 12.02 41.84
N ALA A 53 -6.58 11.13 42.41
CA ALA A 53 -5.65 11.49 43.47
C ALA A 53 -4.52 12.39 42.96
N ALA A 54 -4.24 12.30 41.66
CA ALA A 54 -3.24 13.14 41.01
C ALA A 54 -3.84 14.45 40.46
N GLY A 55 -5.11 14.69 40.76
CA GLY A 55 -5.77 15.95 40.41
C GLY A 55 -6.59 15.93 39.12
N ALA A 56 -6.76 14.76 38.52
CA ALA A 56 -7.54 14.63 37.29
C ALA A 56 -9.04 14.44 37.52
N LYS A 57 -9.83 14.80 36.52
CA LYS A 57 -11.28 14.57 36.48
C LYS A 57 -11.53 13.27 35.74
N VAL A 58 -12.15 12.30 36.43
CA VAL A 58 -12.30 10.94 35.90
C VAL A 58 -13.75 10.48 35.87
N HIS A 59 -14.14 9.83 34.77
CA HIS A 59 -15.45 9.20 34.64
C HIS A 59 -15.27 7.74 34.28
N VAL A 60 -15.63 6.85 35.19
CA VAL A 60 -15.43 5.42 34.99
C VAL A 60 -16.61 4.80 34.26
N LEU A 61 -16.33 4.10 33.16
CA LEU A 61 -17.36 3.48 32.34
C LEU A 61 -17.11 1.98 32.15
N GLU A 62 -18.00 1.16 32.68
CA GLU A 62 -18.02 -0.26 32.38
C GLU A 62 -18.65 -0.42 31.00
N LEU A 63 -17.86 -0.90 30.03
CA LEU A 63 -18.28 -0.98 28.65
C LEU A 63 -17.68 -2.16 27.89
N ASP A 64 -18.54 -2.86 27.15
CA ASP A 64 -18.13 -3.79 26.12
C ASP A 64 -18.40 -3.07 24.80
N VAL A 65 -17.34 -2.78 24.05
CA VAL A 65 -17.46 -1.99 22.81
C VAL A 65 -18.22 -2.72 21.70
N ALA A 66 -18.32 -4.04 21.80
CA ALA A 66 -19.09 -4.85 20.86
C ALA A 66 -20.59 -4.68 21.06
N ASP A 67 -20.98 -4.10 22.19
CA ASP A 67 -22.39 -3.86 22.51
C ASP A 67 -22.81 -2.49 22.02
N ARG A 68 -23.57 -2.46 20.92
CA ARG A 68 -24.00 -1.22 20.28
C ARG A 68 -24.79 -0.29 21.21
N GLN A 69 -25.72 -0.85 21.99
CA GLN A 69 -26.48 -0.05 22.95
C GLN A 69 -25.61 0.44 24.13
N GLY A 70 -24.67 -0.40 24.56
CA GLY A 70 -23.73 -0.03 25.62
C GLY A 70 -22.84 1.12 25.17
N VAL A 71 -22.42 1.07 23.91
CA VAL A 71 -21.63 2.12 23.28
C VAL A 71 -22.37 3.47 23.34
N ASP A 72 -23.63 3.48 22.89
CA ASP A 72 -24.45 4.70 22.85
C ASP A 72 -24.62 5.31 24.24
N ALA A 73 -24.86 4.47 25.24
CA ALA A 73 -25.02 4.90 26.63
C ALA A 73 -23.72 5.45 27.21
N ALA A 74 -22.60 4.79 26.92
CA ALA A 74 -21.26 5.21 27.35
C ALA A 74 -20.88 6.62 26.87
N VAL A 75 -21.14 6.90 25.59
CA VAL A 75 -20.90 8.22 25.03
C VAL A 75 -21.79 9.28 25.68
N ALA A 76 -23.09 8.97 25.81
CA ALA A 76 -24.05 9.87 26.44
C ALA A 76 -23.70 10.15 27.89
N SER A 77 -23.25 9.12 28.61
CA SER A 77 -22.82 9.24 30.00
C SER A 77 -21.62 10.16 30.13
N THR A 78 -20.67 10.02 29.21
CA THR A 78 -19.46 10.83 29.17
C THR A 78 -19.75 12.32 28.98
N VAL A 79 -20.59 12.63 27.99
CA VAL A 79 -20.97 14.02 27.69
C VAL A 79 -21.80 14.63 28.82
N GLU A 80 -22.66 13.82 29.44
CA GLU A 80 -23.44 14.26 30.59
C GLU A 80 -22.54 14.59 31.77
N ALA A 81 -21.60 13.69 32.07
CA ALA A 81 -20.77 13.83 33.26
C ALA A 81 -19.63 14.83 33.09
N LEU A 82 -19.09 14.95 31.88
CA LEU A 82 -17.90 15.79 31.66
C LEU A 82 -18.12 16.98 30.73
N GLY A 83 -19.32 17.12 30.17
CA GLY A 83 -19.71 18.34 29.47
C GLY A 83 -19.57 18.34 27.96
N GLY A 84 -18.91 17.32 27.41
CA GLY A 84 -18.69 17.22 25.97
C GLY A 84 -17.69 16.11 25.65
N LEU A 85 -17.25 16.07 24.40
CA LEU A 85 -16.24 15.12 23.95
C LEU A 85 -15.32 15.75 22.88
N ASP A 86 -14.03 15.78 23.19
CA ASP A 86 -13.02 16.42 22.34
C ASP A 86 -12.08 15.41 21.70
N ILE A 87 -11.83 14.31 22.39
CA ILE A 87 -10.94 13.25 21.91
C ILE A 87 -11.55 11.87 22.19
N LEU A 88 -11.66 11.04 21.16
CA LEU A 88 -11.97 9.62 21.36
C LEU A 88 -10.74 8.80 21.02
N VAL A 89 -10.35 7.91 21.95
CA VAL A 89 -9.30 6.95 21.64
C VAL A 89 -9.92 5.55 21.56
N ASN A 90 -10.03 5.04 20.34
CA ASN A 90 -10.52 3.69 20.10
C ASN A 90 -9.40 2.67 20.26
N ASN A 91 -9.13 2.33 21.50
CA ASN A 91 -8.01 1.48 21.82
C ASN A 91 -8.39 0.04 22.20
N ALA A 92 -9.62 -0.19 22.65
CA ALA A 92 -10.06 -1.54 23.00
C ALA A 92 -9.79 -2.50 21.84
N GLY A 93 -9.17 -3.62 22.17
CA GLY A 93 -8.78 -4.56 21.14
C GLY A 93 -8.26 -5.86 21.72
N ILE A 94 -8.30 -6.90 20.90
CA ILE A 94 -7.80 -8.23 21.25
C ILE A 94 -7.07 -8.83 20.05
N MET A 95 -6.02 -9.60 20.34
CA MET A 95 -5.21 -10.23 19.31
C MET A 95 -5.16 -11.74 19.52
N LEU A 96 -5.90 -12.45 18.68
CA LEU A 96 -5.99 -13.90 18.80
C LEU A 96 -5.30 -14.53 17.60
N LEU A 97 -4.06 -14.95 17.80
CA LEU A 97 -3.21 -15.48 16.74
C LEU A 97 -3.38 -16.97 16.57
N GLY A 98 -3.09 -17.45 15.36
CA GLY A 98 -3.19 -18.86 15.02
C GLY A 98 -3.42 -19.01 13.52
N PRO A 99 -3.15 -20.21 12.98
CA PRO A 99 -3.36 -20.41 11.54
C PRO A 99 -4.83 -20.29 11.16
N VAL A 100 -5.10 -20.04 9.88
CA VAL A 100 -6.46 -20.08 9.37
C VAL A 100 -6.99 -21.51 9.44
N GLU A 101 -6.15 -22.45 9.01
CA GLU A 101 -6.48 -23.88 8.98
C GLU A 101 -7.00 -24.33 10.33
N ASP A 102 -8.21 -24.90 10.32
CA ASP A 102 -8.83 -25.49 11.50
C ASP A 102 -8.95 -24.52 12.69
N ALA A 103 -9.04 -23.23 12.40
CA ALA A 103 -9.08 -22.22 13.46
C ALA A 103 -10.33 -22.35 14.32
N ASP A 104 -10.22 -21.91 15.57
CA ASP A 104 -11.35 -21.70 16.45
C ASP A 104 -11.99 -20.40 15.99
N THR A 105 -13.13 -20.49 15.30
CA THR A 105 -13.74 -19.31 14.69
C THR A 105 -14.32 -18.32 15.70
N THR A 106 -14.42 -18.70 16.98
CA THR A 106 -14.78 -17.72 18.01
C THR A 106 -13.65 -16.69 18.17
N ASP A 107 -12.41 -17.07 17.85
CA ASP A 107 -11.32 -16.10 17.78
C ASP A 107 -11.66 -14.97 16.83
N TRP A 108 -12.25 -15.35 15.70
CA TRP A 108 -12.53 -14.45 14.61
C TRP A 108 -13.66 -13.49 14.96
N THR A 109 -14.75 -14.03 15.49
CA THR A 109 -15.94 -13.24 15.83
C THR A 109 -15.62 -12.28 16.96
N ARG A 110 -14.83 -12.73 17.93
CA ARG A 110 -14.35 -11.86 19.00
C ARG A 110 -13.52 -10.69 18.47
N MET A 111 -12.55 -10.99 17.60
CA MET A 111 -11.68 -9.96 17.04
C MET A 111 -12.44 -8.96 16.18
N ILE A 112 -13.35 -9.47 15.37
CA ILE A 112 -14.19 -8.61 14.52
C ILE A 112 -15.13 -7.72 15.34
N ASP A 113 -15.78 -8.32 16.35
CA ASP A 113 -16.69 -7.58 17.23
C ASP A 113 -15.98 -6.46 17.97
N THR A 114 -14.81 -6.74 18.54
CA THR A 114 -14.07 -5.77 19.33
C THR A 114 -13.25 -4.78 18.50
N ASN A 115 -12.35 -5.32 17.66
CA ASN A 115 -11.36 -4.53 16.92
C ASN A 115 -11.94 -3.69 15.81
N LEU A 116 -12.97 -4.21 15.17
CA LEU A 116 -13.53 -3.59 13.98
C LEU A 116 -14.89 -2.95 14.27
N LEU A 117 -15.90 -3.78 14.55
CA LEU A 117 -17.25 -3.31 14.79
C LEU A 117 -17.35 -2.40 16.02
N GLY A 118 -16.70 -2.80 17.11
CA GLY A 118 -16.72 -2.00 18.35
C GLY A 118 -16.13 -0.61 18.11
N LEU A 119 -15.00 -0.57 17.39
CA LEU A 119 -14.35 0.67 17.01
C LEU A 119 -15.24 1.57 16.13
N MET A 120 -15.92 0.93 15.18
CA MET A 120 -16.84 1.61 14.27
C MET A 120 -18.07 2.15 15.01
N TYR A 121 -18.63 1.36 15.92
CA TYR A 121 -19.74 1.76 16.77
C TYR A 121 -19.39 2.99 17.62
N MET A 122 -18.23 2.93 18.28
CA MET A 122 -17.75 4.00 19.13
C MET A 122 -17.54 5.29 18.32
N THR A 123 -16.92 5.14 17.14
CA THR A 123 -16.67 6.27 16.23
C THR A 123 -17.99 6.95 15.87
N ARG A 124 -18.98 6.16 15.47
CA ARG A 124 -20.28 6.65 15.03
C ARG A 124 -21.03 7.39 16.16
N ALA A 125 -21.03 6.81 17.36
CA ALA A 125 -21.70 7.40 18.52
C ALA A 125 -21.02 8.70 18.96
N ALA A 126 -19.71 8.74 18.88
CA ALA A 126 -18.94 9.92 19.28
C ALA A 126 -19.01 11.07 18.27
N LEU A 127 -19.23 10.72 17.00
CA LEU A 127 -19.10 11.69 15.90
C LEU A 127 -19.94 12.98 16.04
N PRO A 128 -21.23 12.90 16.44
CA PRO A 128 -21.96 14.16 16.60
C PRO A 128 -21.25 15.12 17.56
N HIS A 129 -20.69 14.56 18.65
CA HIS A 129 -20.04 15.36 19.67
C HIS A 129 -18.70 15.89 19.18
N LEU A 130 -17.97 15.07 18.42
CA LEU A 130 -16.68 15.46 17.86
C LEU A 130 -16.86 16.55 16.82
N LEU A 131 -17.92 16.45 16.04
CA LEU A 131 -18.26 17.50 15.06
C LEU A 131 -18.48 18.87 15.71
N ARG A 132 -19.19 18.89 16.83
CA ARG A 132 -19.43 20.14 17.59
C ARG A 132 -18.15 20.74 18.14
N SER A 133 -17.25 19.88 18.61
CA SER A 133 -16.03 20.32 19.30
C SER A 133 -14.83 20.40 18.35
N LYS A 134 -15.05 20.09 17.07
CA LYS A 134 -13.95 19.94 16.10
C LYS A 134 -12.83 19.13 16.73
N GLY A 135 -13.22 17.97 17.25
CA GLY A 135 -12.34 17.12 18.03
C GLY A 135 -11.52 16.15 17.19
N THR A 136 -10.92 15.19 17.87
CA THR A 136 -10.02 14.23 17.26
C THR A 136 -10.42 12.81 17.64
N VAL A 137 -10.50 11.93 16.64
CA VAL A 137 -10.64 10.50 16.90
C VAL A 137 -9.32 9.82 16.59
N VAL A 138 -8.81 9.10 17.60
CA VAL A 138 -7.58 8.34 17.51
C VAL A 138 -7.91 6.85 17.43
N GLN A 139 -7.48 6.20 16.33
CA GLN A 139 -7.70 4.78 16.14
C GLN A 139 -6.42 4.05 16.51
N MET A 140 -6.54 3.08 17.41
CA MET A 140 -5.39 2.25 17.74
C MET A 140 -5.34 1.09 16.78
N SER A 141 -4.58 1.28 15.71
CA SER A 141 -4.38 0.22 14.74
C SER A 141 -3.12 -0.55 15.16
N SER A 142 -2.30 -0.93 14.19
CA SER A 142 -1.18 -1.78 14.46
C SER A 142 -0.29 -1.84 13.22
N ILE A 143 0.95 -2.30 13.41
CA ILE A 143 1.80 -2.79 12.32
C ILE A 143 1.02 -3.82 11.50
N ALA A 144 0.09 -4.53 12.17
CA ALA A 144 -0.80 -5.51 11.55
C ALA A 144 -1.83 -4.89 10.59
N GLY A 145 -1.95 -3.57 10.60
CA GLY A 145 -2.71 -2.84 9.61
C GLY A 145 -1.86 -2.38 8.45
N ARG A 146 -0.56 -2.70 8.47
CA ARG A 146 0.39 -2.22 7.45
C ARG A 146 1.16 -3.34 6.78
N VAL A 147 1.38 -4.42 7.51
CA VAL A 147 2.25 -5.53 7.08
C VAL A 147 1.55 -6.83 7.49
N ASN A 148 1.58 -7.83 6.61
CA ASN A 148 1.00 -9.14 6.93
C ASN A 148 2.09 -10.16 7.23
N VAL A 149 1.96 -10.85 8.36
CA VAL A 149 2.79 -12.02 8.68
C VAL A 149 1.92 -13.24 8.97
N ARG A 150 2.52 -14.43 8.94
CA ARG A 150 1.79 -15.68 9.14
C ARG A 150 1.15 -15.77 10.53
N ASN A 151 0.03 -16.49 10.58
CA ASN A 151 -0.71 -16.76 11.82
C ASN A 151 -1.40 -15.56 12.45
N ALA A 152 -1.65 -14.51 11.65
CA ALA A 152 -2.35 -13.34 12.13
C ALA A 152 -3.39 -12.85 11.11
N ALA A 153 -3.90 -13.78 10.30
CA ALA A 153 -4.77 -13.46 9.17
C ALA A 153 -5.98 -12.59 9.56
N VAL A 154 -6.75 -13.06 10.53
CA VAL A 154 -8.00 -12.36 10.89
C VAL A 154 -7.70 -11.09 11.67
N TYR A 155 -6.69 -11.14 12.54
CA TYR A 155 -6.24 -9.96 13.27
C TYR A 155 -5.82 -8.86 12.30
N GLN A 156 -4.95 -9.22 11.35
CA GLN A 156 -4.54 -8.29 10.30
C GLN A 156 -5.70 -7.79 9.45
N ALA A 157 -6.66 -8.68 9.15
CA ALA A 157 -7.86 -8.25 8.46
C ALA A 157 -8.56 -7.11 9.23
N THR A 158 -8.74 -7.26 10.54
CA THR A 158 -9.42 -6.22 11.35
C THR A 158 -8.64 -4.90 11.35
N LYS A 159 -7.31 -4.99 11.43
CA LYS A 159 -6.46 -3.80 11.50
C LYS A 159 -6.31 -3.06 10.14
N PHE A 160 -6.13 -3.81 9.06
CA PHE A 160 -6.25 -3.23 7.69
C PHE A 160 -7.64 -2.60 7.48
N GLY A 161 -8.68 -3.30 7.99
CA GLY A 161 -10.03 -2.79 7.97
C GLY A 161 -10.21 -1.49 8.71
N VAL A 162 -9.65 -1.42 9.92
CA VAL A 162 -9.66 -0.18 10.72
C VAL A 162 -9.04 0.98 9.94
N ASN A 163 -7.93 0.71 9.25
CA ASN A 163 -7.24 1.75 8.50
C ASN A 163 -8.03 2.30 7.33
N ALA A 164 -8.69 1.41 6.59
CA ALA A 164 -9.52 1.77 5.44
C ALA A 164 -10.73 2.55 5.93
N PHE A 165 -11.42 2.00 6.93
CA PHE A 165 -12.53 2.68 7.59
C PHE A 165 -12.13 4.11 7.99
N SER A 166 -10.96 4.25 8.61
CA SER A 166 -10.50 5.53 9.17
C SER A 166 -10.06 6.56 8.11
N GLU A 167 -9.35 6.10 7.07
CA GLU A 167 -9.05 6.97 5.91
C GLU A 167 -10.34 7.46 5.26
N THR A 168 -11.30 6.56 5.10
CA THR A 168 -12.58 6.94 4.52
C THR A 168 -13.28 7.97 5.42
N LEU A 169 -13.29 7.70 6.72
CA LEU A 169 -13.83 8.63 7.71
C LEU A 169 -13.16 10.00 7.59
N ARG A 170 -11.83 10.03 7.51
CA ARG A 170 -11.09 11.29 7.29
C ARG A 170 -11.65 12.07 6.09
N GLN A 171 -11.79 11.40 4.96
CA GLN A 171 -12.35 12.05 3.77
C GLN A 171 -13.73 12.66 4.04
N GLU A 172 -14.54 11.95 4.83
CA GLU A 172 -15.92 12.36 5.11
C GLU A 172 -16.07 13.52 6.12
N VAL A 173 -15.18 13.60 7.10
CA VAL A 173 -15.37 14.55 8.22
C VAL A 173 -14.26 15.61 8.36
N THR A 174 -13.13 15.42 7.66
CA THR A 174 -11.97 16.29 7.85
C THR A 174 -12.25 17.78 7.56
N GLU A 175 -13.08 18.05 6.56
CA GLU A 175 -13.44 19.43 6.17
C GLU A 175 -14.31 20.13 7.21
N ARG A 176 -14.94 19.34 8.08
CA ARG A 176 -15.71 19.87 9.21
C ARG A 176 -14.87 19.92 10.50
N GLY A 177 -13.57 19.69 10.37
CA GLY A 177 -12.64 19.88 11.47
C GLY A 177 -12.49 18.73 12.45
N VAL A 178 -13.01 17.56 12.10
CA VAL A 178 -12.80 16.37 12.92
C VAL A 178 -11.55 15.66 12.40
N ARG A 179 -10.53 15.57 13.26
CA ARG A 179 -9.24 15.01 12.87
C ARG A 179 -9.25 13.51 13.10
N VAL A 180 -8.74 12.77 12.12
CA VAL A 180 -8.67 11.32 12.21
C VAL A 180 -7.20 10.90 12.25
N VAL A 181 -6.82 10.33 13.37
CA VAL A 181 -5.46 9.95 13.68
C VAL A 181 -5.43 8.43 13.81
N VAL A 182 -4.47 7.79 13.13
CA VAL A 182 -4.30 6.35 13.21
C VAL A 182 -2.90 6.02 13.73
N ILE A 183 -2.85 5.34 14.87
CA ILE A 183 -1.59 4.97 15.50
C ILE A 183 -1.34 3.51 15.17
N GLU A 184 -0.14 3.22 14.68
CA GLU A 184 0.24 1.85 14.29
C GLU A 184 1.50 1.41 15.03
N PRO A 185 1.32 0.87 16.24
CA PRO A 185 2.46 0.33 16.96
C PRO A 185 2.90 -1.04 16.45
N GLY A 186 4.21 -1.29 16.49
CA GLY A 186 4.75 -2.63 16.43
C GLY A 186 4.68 -3.22 17.82
N THR A 187 5.43 -4.30 18.03
CA THR A 187 5.41 -5.04 19.29
C THR A 187 5.58 -4.16 20.53
N THR A 188 4.54 -4.18 21.38
CA THR A 188 4.45 -3.35 22.57
C THR A 188 4.19 -4.27 23.78
N ASP A 189 4.91 -4.03 24.88
CA ASP A 189 4.83 -4.90 26.04
C ASP A 189 3.56 -4.66 26.86
N THR A 190 2.50 -5.38 26.49
CA THR A 190 1.20 -5.28 27.16
C THR A 190 0.68 -6.68 27.53
N GLU A 191 -0.54 -6.72 28.06
CA GLU A 191 -1.24 -7.97 28.36
C GLU A 191 -1.81 -8.63 27.09
N LEU A 192 -1.84 -7.88 25.98
CA LEU A 192 -2.47 -8.33 24.72
C LEU A 192 -2.25 -9.81 24.37
N ARG A 193 -0.98 -10.23 24.40
CA ARG A 193 -0.60 -11.57 23.92
C ARG A 193 -1.05 -12.71 24.83
N GLY A 194 -1.32 -12.38 26.09
CA GLY A 194 -1.77 -13.38 27.07
C GLY A 194 -3.09 -14.03 26.70
N HIS A 195 -3.82 -13.40 25.77
CA HIS A 195 -5.16 -13.85 25.37
C HIS A 195 -5.20 -14.85 24.22
N ILE A 196 -4.12 -14.96 23.44
CA ILE A 196 -4.04 -15.92 22.32
C ILE A 196 -4.53 -17.31 22.74
N THR A 197 -5.52 -17.84 22.00
CA THR A 197 -6.13 -19.13 22.33
C THR A 197 -5.39 -20.31 21.69
N HIS A 198 -4.73 -20.08 20.55
CA HIS A 198 -3.92 -21.12 19.91
C HIS A 198 -2.57 -21.24 20.62
N THR A 199 -2.42 -22.30 21.40
CA THR A 199 -1.27 -22.52 22.28
C THR A 199 0.08 -22.51 21.56
N ALA A 200 0.16 -23.27 20.47
CA ALA A 200 1.38 -23.35 19.67
C ALA A 200 1.80 -21.99 19.10
N THR A 201 0.83 -21.20 18.64
CA THR A 201 1.10 -19.88 18.07
C THR A 201 1.47 -18.86 19.16
N LYS A 202 0.76 -18.90 20.29
CA LYS A 202 1.09 -18.09 21.46
C LYS A 202 2.57 -18.26 21.83
N GLU A 203 3.03 -19.51 21.87
CA GLU A 203 4.41 -19.84 22.19
C GLU A 203 5.39 -19.39 21.10
N MET A 204 5.01 -19.57 19.85
CA MET A 204 5.82 -19.14 18.69
C MET A 204 6.00 -17.62 18.69
N TYR A 205 4.92 -16.91 18.96
CA TYR A 205 4.93 -15.45 19.03
C TYR A 205 5.81 -14.95 20.18
N GLU A 206 5.70 -15.58 21.35
CA GLU A 206 6.48 -15.20 22.53
C GLU A 206 7.98 -15.33 22.24
N GLN A 207 8.38 -16.42 21.59
CA GLN A 207 9.78 -16.63 21.17
C GLN A 207 10.23 -15.57 20.17
N ARG A 208 9.37 -15.26 19.21
CA ARG A 208 9.63 -14.27 18.15
C ARG A 208 9.99 -12.89 18.70
N ILE A 209 9.24 -12.46 19.72
CA ILE A 209 9.41 -11.13 20.32
C ILE A 209 10.31 -11.11 21.57
N SER A 210 10.87 -12.26 21.91
CA SER A 210 11.72 -12.41 23.10
C SER A 210 13.07 -11.70 22.99
N GLN A 211 13.55 -11.52 21.77
CA GLN A 211 14.91 -11.00 21.56
C GLN A 211 14.98 -9.56 21.07
N ILE A 212 13.92 -8.80 21.31
CA ILE A 212 13.90 -7.39 20.98
C ILE A 212 13.58 -6.55 22.22
N ARG A 213 14.05 -5.30 22.23
CA ARG A 213 13.47 -4.30 23.11
C ARG A 213 12.10 -3.95 22.54
N LYS A 214 11.05 -4.30 23.28
CA LYS A 214 9.70 -3.98 22.84
C LYS A 214 9.41 -2.51 23.07
N LEU A 215 8.48 -1.98 22.28
CA LEU A 215 7.91 -0.68 22.55
C LEU A 215 7.19 -0.74 23.91
N GLN A 216 7.14 0.40 24.59
CA GLN A 216 6.44 0.50 25.87
C GLN A 216 5.10 1.16 25.66
N ALA A 217 4.13 0.82 26.50
CA ALA A 217 2.81 1.43 26.44
C ALA A 217 2.92 2.97 26.49
N GLN A 218 3.89 3.47 27.26
CA GLN A 218 4.16 4.91 27.38
C GLN A 218 4.66 5.54 26.08
N ASP A 219 5.42 4.80 25.30
CA ASP A 219 5.85 5.27 23.98
C ASP A 219 4.64 5.52 23.10
N ILE A 220 3.69 4.61 23.14
CA ILE A 220 2.51 4.72 22.30
C ILE A 220 1.64 5.89 22.77
N ALA A 221 1.54 6.05 24.09
CA ALA A 221 0.81 7.16 24.69
C ALA A 221 1.40 8.51 24.24
N GLU A 222 2.73 8.53 24.11
CA GLU A 222 3.43 9.73 23.66
C GLU A 222 3.13 10.06 22.19
N ALA A 223 2.96 9.02 21.38
CA ALA A 223 2.57 9.18 19.97
C ALA A 223 1.18 9.79 19.88
N VAL A 224 0.24 9.26 20.69
CA VAL A 224 -1.11 9.82 20.79
C VAL A 224 -1.07 11.29 21.23
N ARG A 225 -0.29 11.56 22.27
CA ARG A 225 -0.14 12.91 22.81
C ARG A 225 0.39 13.89 21.76
N TYR A 226 1.44 13.50 21.04
CA TYR A 226 1.98 14.32 19.96
C TYR A 226 0.88 14.63 18.94
N ALA A 227 0.13 13.61 18.55
CA ALA A 227 -0.88 13.75 17.50
C ALA A 227 -2.04 14.66 17.92
N VAL A 228 -2.52 14.51 19.15
CA VAL A 228 -3.69 15.27 19.59
C VAL A 228 -3.36 16.71 20.01
N THR A 229 -2.09 16.97 20.34
CA THR A 229 -1.69 18.33 20.72
C THR A 229 -1.13 19.14 19.54
N ALA A 230 -1.00 18.49 18.39
CA ALA A 230 -0.69 19.19 17.13
C ALA A 230 -1.76 20.25 16.84
N PRO A 231 -1.37 21.35 16.18
CA PRO A 231 -2.35 22.41 15.93
C PRO A 231 -3.48 21.88 15.06
N HIS A 232 -4.67 22.45 15.23
CA HIS A 232 -5.87 21.90 14.60
C HIS A 232 -5.79 21.77 13.08
N HIS A 233 -5.04 22.66 12.43
CA HIS A 233 -4.89 22.62 10.97
C HIS A 233 -4.03 21.44 10.48
N ALA A 234 -3.42 20.73 11.42
CA ALA A 234 -2.60 19.56 11.12
C ALA A 234 -3.28 18.30 11.62
N THR A 235 -3.49 17.35 10.72
CA THR A 235 -3.99 16.03 11.09
C THR A 235 -2.85 15.03 10.90
N VAL A 236 -2.32 14.53 12.01
CA VAL A 236 -1.30 13.49 11.95
C VAL A 236 -2.05 12.19 11.71
N HIS A 237 -2.27 11.87 10.43
CA HIS A 237 -3.18 10.79 10.11
C HIS A 237 -2.59 9.41 10.41
N GLU A 238 -1.28 9.27 10.29
CA GLU A 238 -0.63 8.00 10.57
C GLU A 238 0.67 8.19 11.29
N ILE A 239 0.85 7.45 12.38
CA ILE A 239 2.16 7.29 13.00
C ILE A 239 2.43 5.79 13.07
N PHE A 240 3.50 5.39 12.39
CA PHE A 240 3.90 4.00 12.30
C PHE A 240 5.18 3.87 13.12
N ILE A 241 5.04 3.27 14.30
CA ILE A 241 6.17 3.14 15.25
C ILE A 241 6.56 1.68 15.37
N ARG A 242 7.82 1.40 15.06
CA ARG A 242 8.37 0.06 15.08
C ARG A 242 9.44 -0.06 16.18
N PRO A 243 9.60 -1.27 16.76
CA PRO A 243 10.77 -1.49 17.60
C PRO A 243 11.99 -1.44 16.70
N THR A 244 12.98 -0.64 17.08
CA THR A 244 14.23 -0.50 16.34
C THR A 244 14.97 -1.84 16.17
N ASP A 245 14.79 -2.76 17.11
CA ASP A 245 15.49 -4.05 17.09
C ASP A 245 14.87 -5.04 16.12
N GLN A 246 13.68 -4.71 15.59
CA GLN A 246 12.87 -5.64 14.82
C GLN A 246 12.85 -5.37 13.31
N VAL A 247 13.44 -6.27 12.53
CA VAL A 247 13.34 -6.20 11.07
C VAL A 247 11.88 -6.41 10.67
N SER B 3 16.46 20.12 26.57
CA SER B 3 17.45 19.90 25.48
C SER B 3 17.74 18.40 25.30
N ALA B 4 16.85 17.74 24.57
CA ALA B 4 16.92 16.29 24.37
C ALA B 4 18.06 15.83 23.46
N LEU B 5 18.66 16.76 22.72
CA LEU B 5 19.69 16.42 21.74
C LEU B 5 21.06 17.02 22.05
N GLN B 6 21.26 17.43 23.31
CA GLN B 6 22.54 17.99 23.73
C GLN B 6 23.68 17.07 23.33
N GLY B 7 24.72 17.65 22.74
CA GLY B 7 25.91 16.91 22.34
C GLY B 7 25.76 16.07 21.09
N LYS B 8 24.60 16.13 20.44
CA LYS B 8 24.35 15.43 19.19
C LYS B 8 24.64 16.31 17.98
N VAL B 9 24.99 15.70 16.85
CA VAL B 9 25.22 16.45 15.62
C VAL B 9 24.23 16.05 14.54
N ALA B 10 23.55 17.07 14.00
CA ALA B 10 22.60 16.87 12.92
C ALA B 10 23.10 17.54 11.65
N LEU B 11 23.02 16.81 10.53
CA LEU B 11 23.27 17.38 9.22
C LEU B 11 21.95 17.45 8.46
N ILE B 12 21.57 18.66 8.06
CA ILE B 12 20.31 18.90 7.38
C ILE B 12 20.59 19.43 5.97
N THR B 13 20.15 18.68 4.96
CA THR B 13 20.23 19.14 3.57
C THR B 13 18.98 19.94 3.26
N GLY B 14 19.07 20.87 2.32
CA GLY B 14 17.96 21.76 2.00
C GLY B 14 17.63 22.69 3.14
N ALA B 15 18.66 23.22 3.80
CA ALA B 15 18.45 23.99 5.01
C ALA B 15 18.26 25.48 4.77
N SER B 16 18.40 25.91 3.51
CA SER B 16 18.40 27.35 3.17
C SER B 16 17.01 27.99 3.18
N SER B 17 15.97 27.16 3.19
CA SER B 17 14.59 27.64 3.25
C SER B 17 13.63 26.53 3.71
N GLY B 18 12.36 26.90 3.90
CA GLY B 18 11.27 25.94 4.09
C GLY B 18 11.41 24.97 5.24
N ILE B 19 11.08 23.71 4.96
CA ILE B 19 11.09 22.67 6.00
C ILE B 19 12.49 22.45 6.61
N GLY B 20 13.52 22.45 5.76
CA GLY B 20 14.89 22.22 6.23
C GLY B 20 15.38 23.31 7.17
N GLU B 21 14.99 24.55 6.88
CA GLU B 21 15.32 25.70 7.71
C GLU B 21 14.67 25.58 9.08
N ALA B 22 13.39 25.24 9.08
CA ALA B 22 12.62 25.05 10.33
C ALA B 22 13.16 23.88 11.14
N THR B 23 13.53 22.80 10.45
CA THR B 23 14.09 21.61 11.12
C THR B 23 15.44 21.92 11.76
N ALA B 24 16.31 22.63 11.04
CA ALA B 24 17.61 23.02 11.58
C ALA B 24 17.45 23.87 12.85
N ARG B 25 16.49 24.80 12.84
CA ARG B 25 16.16 25.61 14.01
C ARG B 25 15.68 24.75 15.17
N ALA B 26 14.79 23.80 14.87
CA ALA B 26 14.17 22.96 15.87
C ALA B 26 15.18 22.05 16.54
N LEU B 27 16.05 21.43 15.75
CA LEU B 27 17.09 20.56 16.28
C LEU B 27 18.15 21.32 17.09
N ALA B 28 18.52 22.51 16.63
CA ALA B 28 19.41 23.41 17.37
C ALA B 28 18.80 23.81 18.71
N ALA B 29 17.50 24.07 18.69
CA ALA B 29 16.77 24.44 19.92
C ALA B 29 16.79 23.30 20.95
N GLU B 30 16.91 22.06 20.47
CA GLU B 30 17.04 20.87 21.31
C GLU B 30 18.48 20.61 21.75
N GLY B 31 19.40 21.48 21.35
CA GLY B 31 20.80 21.40 21.77
C GLY B 31 21.74 20.72 20.80
N ALA B 32 21.23 20.33 19.63
CA ALA B 32 22.07 19.69 18.62
C ALA B 32 22.95 20.71 17.89
N ALA B 33 24.20 20.31 17.61
CA ALA B 33 25.04 21.03 16.68
C ALA B 33 24.53 20.74 15.28
N VAL B 34 24.44 21.78 14.46
CA VAL B 34 23.81 21.62 13.15
C VAL B 34 24.74 21.98 11.99
N ALA B 35 24.92 21.02 11.08
CA ALA B 35 25.58 21.30 9.81
C ALA B 35 24.48 21.56 8.80
N ILE B 36 24.47 22.76 8.25
CA ILE B 36 23.40 23.18 7.34
C ILE B 36 23.88 23.22 5.89
N ALA B 37 23.22 22.46 5.03
CA ALA B 37 23.68 22.25 3.66
C ALA B 37 22.63 22.64 2.61
N ALA B 38 23.09 23.34 1.59
CA ALA B 38 22.29 23.76 0.43
C ALA B 38 23.19 24.49 -0.57
N ARG B 39 22.60 24.96 -1.67
CA ARG B 39 23.35 25.64 -2.73
C ARG B 39 23.46 27.16 -2.54
N ARG B 40 22.39 27.79 -2.02
CA ARG B 40 22.41 29.23 -1.76
C ARG B 40 23.18 29.52 -0.46
N VAL B 41 24.49 29.71 -0.58
CA VAL B 41 25.37 29.96 0.56
C VAL B 41 24.99 31.20 1.37
N GLU B 42 24.56 32.25 0.67
CA GLU B 42 24.13 33.50 1.33
C GLU B 42 23.01 33.27 2.34
N LYS B 43 22.02 32.47 1.96
CA LYS B 43 20.91 32.16 2.86
C LYS B 43 21.32 31.26 4.02
N LEU B 44 22.22 30.31 3.74
CA LEU B 44 22.80 29.46 4.78
C LEU B 44 23.60 30.27 5.80
N ARG B 45 24.39 31.23 5.32
CA ARG B 45 25.18 32.10 6.18
C ARG B 45 24.29 32.93 7.10
N ALA B 46 23.20 33.46 6.54
CA ALA B 46 22.22 34.25 7.29
C ALA B 46 21.56 33.41 8.39
N LEU B 47 21.16 32.18 8.05
CA LEU B 47 20.61 31.24 9.03
C LEU B 47 21.66 30.84 10.06
N GLY B 48 22.88 30.55 9.60
CA GLY B 48 24.00 30.20 10.46
C GLY B 48 24.35 31.28 11.47
N ASP B 49 24.31 32.54 11.02
CA ASP B 49 24.49 33.68 11.92
C ASP B 49 23.41 33.75 12.99
N GLU B 50 22.16 33.57 12.57
CA GLU B 50 21.04 33.61 13.49
C GLU B 50 21.13 32.52 14.54
N LEU B 51 21.43 31.29 14.10
CA LEU B 51 21.58 30.16 15.00
C LEU B 51 22.76 30.28 15.96
N THR B 52 23.91 30.72 15.45
CA THR B 52 25.10 30.98 16.27
C THR B 52 24.82 32.10 17.28
N ALA B 53 24.06 33.11 16.86
CA ALA B 53 23.68 34.22 17.75
C ALA B 53 22.74 33.75 18.85
N ALA B 54 22.02 32.68 18.59
CA ALA B 54 21.11 32.07 19.58
C ALA B 54 21.82 31.03 20.45
N GLY B 55 23.13 30.90 20.28
CA GLY B 55 23.93 29.98 21.09
C GLY B 55 24.18 28.59 20.51
N ALA B 56 23.81 28.38 19.25
CA ALA B 56 24.02 27.09 18.60
C ALA B 56 25.40 26.95 17.93
N LYS B 57 25.84 25.71 17.76
CA LYS B 57 27.05 25.39 17.03
C LYS B 57 26.66 25.07 15.59
N VAL B 58 27.22 25.84 14.64
CA VAL B 58 26.80 25.76 13.24
C VAL B 58 27.98 25.50 12.30
N HIS B 59 27.77 24.60 11.33
CA HIS B 59 28.73 24.33 10.27
C HIS B 59 28.05 24.52 8.92
N VAL B 60 28.47 25.53 8.17
CA VAL B 60 27.81 25.86 6.91
C VAL B 60 28.43 25.05 5.76
N LEU B 61 27.56 24.38 5.00
CA LEU B 61 28.01 23.54 3.89
C LEU B 61 27.35 23.94 2.57
N GLU B 62 28.16 24.46 1.64
CA GLU B 62 27.70 24.64 0.27
C GLU B 62 27.70 23.26 -0.39
N LEU B 63 26.51 22.79 -0.77
CA LEU B 63 26.37 21.43 -1.30
C LEU B 63 25.24 21.28 -2.32
N ASP B 64 25.57 20.65 -3.43
CA ASP B 64 24.58 20.10 -4.35
C ASP B 64 24.53 18.60 -4.06
N VAL B 65 23.38 18.13 -3.58
CA VAL B 65 23.24 16.72 -3.18
C VAL B 65 23.35 15.75 -4.36
N ALA B 66 23.13 16.25 -5.58
CA ALA B 66 23.26 15.45 -6.80
C ALA B 66 24.72 15.16 -7.15
N ASP B 67 25.62 15.92 -6.52
CA ASP B 67 27.06 15.75 -6.71
C ASP B 67 27.64 14.73 -5.72
N ARG B 68 27.88 13.52 -6.22
CA ARG B 68 28.41 12.40 -5.43
C ARG B 68 29.67 12.77 -4.63
N GLN B 69 30.64 13.40 -5.31
CA GLN B 69 31.88 13.84 -4.69
C GLN B 69 31.67 14.92 -3.63
N GLY B 70 30.80 15.89 -3.95
CA GLY B 70 30.44 16.95 -3.02
C GLY B 70 29.77 16.39 -1.77
N VAL B 71 28.93 15.38 -1.94
CA VAL B 71 28.29 14.70 -0.83
C VAL B 71 29.33 14.09 0.11
N ASP B 72 30.28 13.33 -0.44
CA ASP B 72 31.30 12.66 0.37
C ASP B 72 32.10 13.67 1.18
N ALA B 73 32.48 14.78 0.54
CA ALA B 73 33.23 15.85 1.16
C ALA B 73 32.44 16.57 2.26
N ALA B 74 31.14 16.79 2.02
CA ALA B 74 30.25 17.45 2.98
C ALA B 74 30.08 16.66 4.28
N VAL B 75 29.93 15.35 4.16
CA VAL B 75 29.85 14.44 5.31
C VAL B 75 31.18 14.43 6.09
N ALA B 76 32.30 14.29 5.37
CA ALA B 76 33.63 14.33 5.98
C ALA B 76 33.93 15.66 6.69
N SER B 77 33.49 16.76 6.07
CA SER B 77 33.64 18.10 6.64
C SER B 77 32.87 18.26 7.94
N THR B 78 31.65 17.72 7.96
CA THR B 78 30.76 17.75 9.13
C THR B 78 31.38 17.02 10.32
N VAL B 79 31.82 15.78 10.09
CA VAL B 79 32.41 14.95 11.13
C VAL B 79 33.72 15.55 11.65
N GLU B 80 34.50 16.14 10.74
CA GLU B 80 35.73 16.81 11.15
C GLU B 80 35.44 18.06 11.98
N ALA B 81 34.46 18.85 11.57
CA ALA B 81 34.18 20.13 12.24
C ALA B 81 33.38 19.97 13.53
N LEU B 82 32.49 18.98 13.56
CA LEU B 82 31.57 18.81 14.68
C LEU B 82 31.73 17.52 15.50
N GLY B 83 32.66 16.67 15.09
CA GLY B 83 33.08 15.51 15.90
C GLY B 83 32.41 14.18 15.61
N GLY B 84 31.38 14.20 14.77
CA GLY B 84 30.61 12.99 14.47
C GLY B 84 29.32 13.30 13.76
N LEU B 85 28.47 12.29 13.60
CA LEU B 85 27.14 12.47 13.01
C LEU B 85 26.10 11.55 13.66
N ASP B 86 25.04 12.16 14.19
CA ASP B 86 23.99 11.44 14.93
C ASP B 86 22.67 11.45 14.20
N ILE B 87 22.42 12.53 13.46
CA ILE B 87 21.16 12.72 12.77
C ILE B 87 21.44 13.26 11.38
N LEU B 88 20.91 12.56 10.37
CA LEU B 88 20.90 13.06 9.00
C LEU B 88 19.46 13.37 8.58
N VAL B 89 19.22 14.58 8.11
CA VAL B 89 17.90 14.93 7.59
C VAL B 89 18.05 15.16 6.08
N ASN B 90 17.59 14.18 5.30
CA ASN B 90 17.60 14.27 3.83
C ASN B 90 16.38 15.03 3.34
N ASN B 91 16.47 16.35 3.39
CA ASN B 91 15.32 17.20 3.09
C ASN B 91 15.43 17.93 1.73
N ALA B 92 16.65 18.08 1.20
CA ALA B 92 16.82 18.70 -0.12
C ALA B 92 15.91 18.03 -1.14
N GLY B 93 15.13 18.85 -1.84
CA GLY B 93 14.19 18.33 -2.82
C GLY B 93 13.59 19.42 -3.67
N ILE B 94 13.07 19.00 -4.84
CA ILE B 94 12.41 19.91 -5.77
C ILE B 94 11.15 19.23 -6.31
N MET B 95 10.11 20.03 -6.56
CA MET B 95 8.85 19.52 -7.08
C MET B 95 8.48 20.21 -8.38
N LEU B 96 8.66 19.48 -9.48
CA LEU B 96 8.39 20.03 -10.80
C LEU B 96 7.18 19.31 -11.39
N LEU B 97 6.03 19.98 -11.28
CA LEU B 97 4.75 19.39 -11.66
C LEU B 97 4.42 19.70 -13.12
N GLY B 98 3.61 18.82 -13.72
CA GLY B 98 3.20 18.95 -15.11
C GLY B 98 2.83 17.59 -15.68
N PRO B 99 2.08 17.55 -16.79
CA PRO B 99 1.70 16.27 -17.40
C PRO B 99 2.93 15.48 -17.83
N VAL B 100 2.78 14.16 -17.98
CA VAL B 100 3.80 13.34 -18.60
C VAL B 100 3.91 13.71 -20.08
N GLU B 101 2.76 13.87 -20.72
CA GLU B 101 2.70 14.16 -22.15
C GLU B 101 3.48 15.44 -22.48
N ASP B 102 4.37 15.31 -23.46
CA ASP B 102 5.22 16.41 -23.94
C ASP B 102 6.00 17.14 -22.84
N ALA B 103 6.32 16.43 -21.75
CA ALA B 103 7.02 17.05 -20.62
C ALA B 103 8.43 17.54 -20.99
N ASP B 104 8.89 18.57 -20.29
CA ASP B 104 10.29 18.97 -20.31
C ASP B 104 11.02 17.95 -19.46
N THR B 105 11.78 17.05 -20.09
CA THR B 105 12.41 15.93 -19.38
C THR B 105 13.54 16.36 -18.45
N THR B 106 14.00 17.59 -18.59
CA THR B 106 14.95 18.13 -17.62
C THR B 106 14.31 18.25 -16.23
N ASP B 107 12.99 18.48 -16.18
CA ASP B 107 12.23 18.37 -14.92
C ASP B 107 12.49 17.04 -14.23
N TRP B 108 12.49 15.97 -15.04
CA TRP B 108 12.58 14.61 -14.53
C TRP B 108 13.98 14.34 -14.00
N THR B 109 15.00 14.70 -14.78
CA THR B 109 16.37 14.43 -14.39
C THR B 109 16.76 15.22 -13.14
N ARG B 110 16.28 16.45 -13.05
CA ARG B 110 16.49 17.26 -11.84
C ARG B 110 15.85 16.63 -10.60
N MET B 111 14.59 16.21 -10.72
CA MET B 111 13.89 15.60 -9.58
C MET B 111 14.55 14.30 -9.16
N ILE B 112 14.94 13.47 -10.12
CA ILE B 112 15.60 12.21 -9.80
C ILE B 112 16.97 12.42 -9.15
N ASP B 113 17.75 13.36 -9.70
CA ASP B 113 19.08 13.67 -9.17
C ASP B 113 19.00 14.18 -7.74
N THR B 114 18.10 15.13 -7.49
CA THR B 114 17.96 15.73 -6.17
C THR B 114 17.20 14.84 -5.18
N ASN B 115 15.95 14.52 -5.52
CA ASN B 115 15.02 13.85 -4.59
C ASN B 115 15.37 12.38 -4.30
N LEU B 116 15.92 11.71 -5.30
CA LEU B 116 16.13 10.27 -5.21
C LEU B 116 17.63 9.96 -5.04
N LEU B 117 18.41 10.21 -6.11
CA LEU B 117 19.84 9.93 -6.12
C LEU B 117 20.61 10.71 -5.03
N GLY B 118 20.33 12.00 -4.92
CA GLY B 118 20.95 12.83 -3.91
C GLY B 118 20.73 12.31 -2.50
N LEU B 119 19.47 11.97 -2.21
CA LEU B 119 19.09 11.39 -0.92
C LEU B 119 19.83 10.08 -0.65
N MET B 120 19.92 9.24 -1.67
CA MET B 120 20.60 7.95 -1.53
C MET B 120 22.11 8.12 -1.35
N TYR B 121 22.70 9.08 -2.06
CA TYR B 121 24.11 9.42 -1.91
C TYR B 121 24.43 9.86 -0.48
N MET B 122 23.65 10.82 0.02
CA MET B 122 23.83 11.34 1.37
C MET B 122 23.68 10.24 2.41
N THR B 123 22.64 9.42 2.25
CA THR B 123 22.39 8.26 3.10
C THR B 123 23.61 7.35 3.18
N ARG B 124 24.17 6.97 2.02
CA ARG B 124 25.30 6.06 1.94
C ARG B 124 26.56 6.63 2.59
N ALA B 125 26.84 7.91 2.32
CA ALA B 125 28.02 8.57 2.87
C ALA B 125 27.93 8.74 4.39
N ALA B 126 26.72 9.02 4.89
CA ALA B 126 26.51 9.21 6.33
C ALA B 126 26.52 7.90 7.11
N LEU B 127 26.15 6.82 6.42
CA LEU B 127 25.91 5.52 7.09
C LEU B 127 27.02 5.02 8.03
N PRO B 128 28.30 5.02 7.58
CA PRO B 128 29.34 4.57 8.51
C PRO B 128 29.34 5.34 9.84
N HIS B 129 29.07 6.64 9.76
CA HIS B 129 29.06 7.50 10.94
C HIS B 129 27.82 7.26 11.79
N LEU B 130 26.67 7.05 11.14
CA LEU B 130 25.44 6.77 11.84
C LEU B 130 25.47 5.42 12.53
N LEU B 131 26.14 4.45 11.90
CA LEU B 131 26.34 3.13 12.49
C LEU B 131 27.12 3.19 13.81
N ARG B 132 28.17 3.99 13.84
CA ARG B 132 28.98 4.17 15.06
C ARG B 132 28.22 4.88 16.18
N SER B 133 27.40 5.86 15.83
CA SER B 133 26.65 6.65 16.79
C SER B 133 25.24 6.11 17.09
N LYS B 134 24.89 4.97 16.50
CA LYS B 134 23.52 4.45 16.56
C LYS B 134 22.52 5.58 16.29
N GLY B 135 22.77 6.31 15.20
CA GLY B 135 22.03 7.51 14.90
C GLY B 135 20.74 7.30 14.12
N THR B 136 20.20 8.41 13.61
CA THR B 136 18.90 8.40 12.94
C THR B 136 19.02 9.10 11.60
N VAL B 137 18.51 8.47 10.57
CA VAL B 137 18.35 9.14 9.28
C VAL B 137 16.88 9.47 9.09
N VAL B 138 16.59 10.75 8.85
CA VAL B 138 15.25 11.24 8.57
C VAL B 138 15.11 11.56 7.08
N GLN B 139 14.19 10.86 6.40
CA GLN B 139 13.94 11.10 4.98
C GLN B 139 12.74 12.02 4.84
N MET B 140 12.91 13.14 4.14
CA MET B 140 11.77 14.00 3.89
C MET B 140 11.05 13.53 2.63
N SER B 141 10.04 12.67 2.84
CA SER B 141 9.21 12.20 1.75
C SER B 141 8.06 13.17 1.58
N SER B 142 6.86 12.65 1.34
CA SER B 142 5.69 13.46 1.02
C SER B 142 4.45 12.60 1.00
N ILE B 143 3.29 13.26 1.08
CA ILE B 143 2.02 12.63 0.68
C ILE B 143 2.16 12.00 -0.71
N ALA B 144 3.04 12.59 -1.53
CA ALA B 144 3.33 12.12 -2.89
C ALA B 144 4.06 10.77 -2.92
N GLY B 145 4.54 10.34 -1.76
CA GLY B 145 5.08 8.99 -1.59
C GLY B 145 4.04 8.00 -1.09
N ARG B 146 2.80 8.47 -0.91
CA ARG B 146 1.72 7.63 -0.37
C ARG B 146 0.49 7.58 -1.28
N VAL B 147 0.27 8.65 -2.02
CA VAL B 147 -0.95 8.86 -2.80
C VAL B 147 -0.54 9.50 -4.13
N ASN B 148 -1.13 9.04 -5.23
CA ASN B 148 -0.86 9.62 -6.54
C ASN B 148 -2.00 10.49 -7.02
N VAL B 149 -1.66 11.72 -7.44
CA VAL B 149 -2.59 12.63 -8.12
C VAL B 149 -2.04 13.02 -9.49
N ARG B 150 -2.91 13.51 -10.37
CA ARG B 150 -2.53 13.92 -11.71
C ARG B 150 -1.47 15.01 -11.73
N ASN B 151 -0.59 14.95 -12.74
CA ASN B 151 0.40 15.99 -13.02
C ASN B 151 1.57 16.03 -12.04
N ALA B 152 1.77 14.92 -11.35
CA ALA B 152 2.91 14.78 -10.44
C ALA B 152 3.58 13.41 -10.59
N ALA B 153 3.51 12.83 -11.80
CA ALA B 153 3.96 11.45 -12.01
C ALA B 153 5.41 11.20 -11.59
N VAL B 154 6.33 12.01 -12.08
CA VAL B 154 7.75 11.77 -11.82
C VAL B 154 8.12 12.19 -10.38
N TYR B 155 7.52 13.26 -9.89
CA TYR B 155 7.67 13.65 -8.48
C TYR B 155 7.24 12.50 -7.58
N GLN B 156 6.03 11.99 -7.81
CA GLN B 156 5.53 10.85 -7.04
C GLN B 156 6.39 9.61 -7.20
N ALA B 157 6.90 9.37 -8.41
CA ALA B 157 7.87 8.30 -8.59
C ALA B 157 9.07 8.45 -7.65
N THR B 158 9.66 9.66 -7.57
CA THR B 158 10.81 9.88 -6.66
C THR B 158 10.47 9.63 -5.18
N LYS B 159 9.30 10.08 -4.74
CA LYS B 159 8.92 9.96 -3.34
C LYS B 159 8.49 8.53 -2.93
N PHE B 160 7.76 7.83 -3.79
CA PHE B 160 7.52 6.40 -3.59
C PHE B 160 8.85 5.64 -3.59
N GLY B 161 9.76 6.04 -4.47
CA GLY B 161 11.12 5.50 -4.51
C GLY B 161 11.88 5.73 -3.21
N VAL B 162 11.81 6.95 -2.68
CA VAL B 162 12.39 7.29 -1.37
C VAL B 162 11.86 6.34 -0.27
N ASN B 163 10.55 6.13 -0.26
CA ASN B 163 9.92 5.27 0.73
C ASN B 163 10.39 3.82 0.67
N ALA B 164 10.46 3.27 -0.53
CA ALA B 164 10.91 1.89 -0.72
C ALA B 164 12.39 1.75 -0.35
N PHE B 165 13.22 2.66 -0.84
CA PHE B 165 14.63 2.72 -0.48
C PHE B 165 14.81 2.74 1.04
N SER B 166 14.01 3.57 1.72
CA SER B 166 14.09 3.77 3.17
C SER B 166 13.60 2.58 4.01
N GLU B 167 12.50 1.96 3.58
CA GLU B 167 12.03 0.74 4.23
C GLU B 167 13.10 -0.35 4.11
N THR B 168 13.64 -0.51 2.91
CA THR B 168 14.68 -1.50 2.68
C THR B 168 15.91 -1.18 3.56
N LEU B 169 16.33 0.08 3.56
CA LEU B 169 17.41 0.53 4.44
C LEU B 169 17.14 0.15 5.89
N ARG B 170 15.92 0.41 6.37
CA ARG B 170 15.53 0.03 7.73
C ARG B 170 15.79 -1.46 7.97
N GLN B 171 15.32 -2.32 7.06
CA GLN B 171 15.56 -3.75 7.21
C GLN B 171 17.05 -4.07 7.32
N GLU B 172 17.88 -3.33 6.57
CA GLU B 172 19.33 -3.60 6.52
C GLU B 172 20.13 -3.10 7.73
N VAL B 173 19.70 -2.00 8.35
CA VAL B 173 20.52 -1.33 9.38
C VAL B 173 19.87 -1.24 10.76
N THR B 174 18.56 -1.49 10.84
CA THR B 174 17.83 -1.31 12.08
C THR B 174 18.38 -2.13 13.25
N GLU B 175 18.82 -3.36 12.98
CA GLU B 175 19.34 -4.24 14.05
C GLU B 175 20.68 -3.77 14.63
N ARG B 176 21.38 -2.92 13.87
CA ARG B 176 22.59 -2.27 14.34
C ARG B 176 22.32 -0.89 14.97
N GLY B 177 21.04 -0.57 15.14
CA GLY B 177 20.65 0.61 15.89
C GLY B 177 20.61 1.91 15.13
N VAL B 178 20.65 1.83 13.79
CA VAL B 178 20.43 3.00 12.97
C VAL B 178 18.92 3.09 12.67
N ARG B 179 18.29 4.17 13.14
CA ARG B 179 16.85 4.36 13.00
C ARG B 179 16.54 5.05 11.69
N VAL B 180 15.54 4.54 10.97
CA VAL B 180 15.09 5.13 9.72
C VAL B 180 13.68 5.71 9.86
N VAL B 181 13.60 7.03 9.72
CA VAL B 181 12.38 7.79 9.94
C VAL B 181 11.99 8.41 8.59
N VAL B 182 10.72 8.28 8.22
CA VAL B 182 10.22 8.85 6.98
C VAL B 182 9.08 9.83 7.30
N ILE B 183 9.27 11.10 6.97
CA ILE B 183 8.23 12.11 7.20
C ILE B 183 7.52 12.36 5.89
N GLU B 184 6.19 12.37 5.96
CA GLU B 184 5.35 12.52 4.78
C GLU B 184 4.37 13.68 4.96
N PRO B 185 4.82 14.92 4.69
CA PRO B 185 3.88 16.04 4.75
C PRO B 185 2.97 16.13 3.54
N GLY B 186 1.75 16.58 3.80
CA GLY B 186 0.91 17.14 2.76
C GLY B 186 1.30 18.59 2.52
N THR B 187 0.41 19.33 1.86
CA THR B 187 0.67 20.71 1.44
C THR B 187 1.23 21.58 2.56
N THR B 188 2.45 22.06 2.36
CA THR B 188 3.17 22.88 3.33
C THR B 188 3.64 24.18 2.68
N ASP B 189 3.42 25.29 3.36
CA ASP B 189 3.69 26.63 2.81
C ASP B 189 5.18 26.94 2.76
N THR B 190 5.81 26.58 1.65
CA THR B 190 7.25 26.82 1.44
C THR B 190 7.50 27.45 0.07
N GLU B 191 8.79 27.59 -0.30
CA GLU B 191 9.19 28.05 -1.64
C GLU B 191 9.05 26.97 -2.72
N LEU B 192 8.86 25.71 -2.30
CA LEU B 192 8.86 24.55 -3.20
C LEU B 192 8.13 24.75 -4.52
N ARG B 193 6.88 25.23 -4.44
CA ARG B 193 6.02 25.37 -5.63
C ARG B 193 6.45 26.45 -6.62
N GLY B 194 7.24 27.43 -6.16
CA GLY B 194 7.75 28.50 -7.01
C GLY B 194 8.61 27.99 -8.16
N HIS B 195 9.08 26.75 -8.04
CA HIS B 195 10.02 26.18 -9.00
C HIS B 195 9.39 25.44 -10.19
N ILE B 196 8.11 25.08 -10.07
CA ILE B 196 7.38 24.38 -11.14
C ILE B 196 7.59 25.09 -12.49
N THR B 197 8.06 24.33 -13.48
CA THR B 197 8.40 24.90 -14.79
C THR B 197 7.22 24.89 -15.77
N HIS B 198 6.27 23.98 -15.56
CA HIS B 198 5.05 23.95 -16.37
C HIS B 198 4.06 24.99 -15.83
N THR B 199 3.91 26.07 -16.59
CA THR B 199 3.16 27.25 -16.13
C THR B 199 1.69 26.97 -15.83
N ALA B 200 1.02 26.27 -16.74
CA ALA B 200 -0.38 25.89 -16.55
C ALA B 200 -0.60 25.04 -15.29
N THR B 201 0.31 24.11 -15.02
CA THR B 201 0.22 23.24 -13.84
C THR B 201 0.54 24.02 -12.56
N LYS B 202 1.58 24.85 -12.60
CA LYS B 202 1.90 25.74 -11.48
C LYS B 202 0.68 26.55 -11.02
N GLU B 203 -0.04 27.10 -12.00
CA GLU B 203 -1.24 27.88 -11.77
C GLU B 203 -2.39 27.02 -11.22
N MET B 204 -2.56 25.82 -11.80
CA MET B 204 -3.58 24.87 -11.36
C MET B 204 -3.36 24.40 -9.92
N TYR B 205 -2.10 24.15 -9.58
CA TYR B 205 -1.72 23.71 -8.25
C TYR B 205 -1.95 24.82 -7.22
N GLU B 206 -1.55 26.05 -7.56
CA GLU B 206 -1.75 27.22 -6.70
C GLU B 206 -3.23 27.40 -6.34
N GLN B 207 -4.11 27.26 -7.32
CA GLN B 207 -5.55 27.39 -7.11
C GLN B 207 -6.08 26.26 -6.22
N ARG B 208 -5.58 25.05 -6.46
CA ARG B 208 -5.99 23.86 -5.69
C ARG B 208 -5.70 24.00 -4.20
N ILE B 209 -4.57 24.60 -3.86
CA ILE B 209 -4.12 24.71 -2.47
C ILE B 209 -4.45 26.06 -1.82
N SER B 210 -5.12 26.92 -2.58
CA SER B 210 -5.45 28.27 -2.12
C SER B 210 -6.57 28.29 -1.08
N GLN B 211 -7.34 27.21 -1.00
CA GLN B 211 -8.56 27.16 -0.19
C GLN B 211 -8.41 26.38 1.13
N ILE B 212 -7.17 26.03 1.47
CA ILE B 212 -6.91 25.29 2.70
C ILE B 212 -5.94 26.04 3.60
N ARG B 213 -6.03 25.81 4.90
CA ARG B 213 -4.95 26.15 5.81
C ARG B 213 -3.85 25.13 5.55
N LYS B 214 -2.73 25.61 5.02
CA LYS B 214 -1.59 24.75 4.70
C LYS B 214 -0.81 24.41 5.97
N LEU B 215 -0.13 23.26 5.95
CA LEU B 215 0.83 22.92 6.98
C LEU B 215 1.93 23.99 6.97
N GLN B 216 2.53 24.22 8.13
CA GLN B 216 3.62 25.17 8.21
C GLN B 216 4.92 24.40 8.33
N ALA B 217 6.01 25.00 7.85
CA ALA B 217 7.35 24.42 7.94
C ALA B 217 7.66 23.98 9.38
N GLN B 218 7.23 24.79 10.36
CA GLN B 218 7.39 24.50 11.79
C GLN B 218 6.64 23.24 12.27
N ASP B 219 5.50 22.95 11.65
CA ASP B 219 4.74 21.72 11.95
C ASP B 219 5.56 20.50 11.57
N ILE B 220 6.23 20.58 10.42
CA ILE B 220 7.00 19.44 9.93
C ILE B 220 8.26 19.26 10.76
N ALA B 221 8.89 20.38 11.12
CA ALA B 221 10.04 20.41 12.03
C ALA B 221 9.70 19.73 13.36
N GLU B 222 8.49 20.00 13.86
CA GLU B 222 7.98 19.35 15.05
C GLU B 222 7.82 17.83 14.91
N ALA B 223 7.38 17.38 13.73
CA ALA B 223 7.27 15.95 13.44
C ALA B 223 8.66 15.31 13.52
N VAL B 224 9.64 15.95 12.89
CA VAL B 224 11.05 15.50 12.93
C VAL B 224 11.56 15.47 14.37
N ARG B 225 11.30 16.53 15.13
CA ARG B 225 11.72 16.61 16.53
C ARG B 225 11.12 15.49 17.39
N TYR B 226 9.83 15.24 17.23
CA TYR B 226 9.15 14.12 17.90
C TYR B 226 9.83 12.78 17.57
N ALA B 227 10.08 12.53 16.28
CA ALA B 227 10.68 11.27 15.85
C ALA B 227 12.09 11.04 16.36
N VAL B 228 12.95 12.07 16.28
CA VAL B 228 14.36 11.92 16.66
C VAL B 228 14.59 11.92 18.17
N THR B 229 13.67 12.50 18.93
CA THR B 229 13.80 12.53 20.40
C THR B 229 13.10 11.34 21.09
N ALA B 230 12.41 10.52 20.30
CA ALA B 230 11.83 9.27 20.79
C ALA B 230 12.96 8.36 21.30
N PRO B 231 12.67 7.49 22.30
CA PRO B 231 13.73 6.63 22.84
C PRO B 231 14.30 5.74 21.74
N HIS B 232 15.58 5.38 21.86
CA HIS B 232 16.28 4.66 20.79
C HIS B 232 15.60 3.35 20.37
N HIS B 233 14.93 2.66 21.31
CA HIS B 233 14.24 1.40 21.02
C HIS B 233 12.99 1.57 20.13
N ALA B 234 12.59 2.82 19.92
CA ALA B 234 11.44 3.14 19.07
C ALA B 234 11.91 3.83 17.80
N THR B 235 11.55 3.24 16.66
CA THR B 235 11.76 3.86 15.38
C THR B 235 10.40 4.34 14.84
N VAL B 236 10.21 5.66 14.80
CA VAL B 236 9.00 6.21 14.22
C VAL B 236 9.22 6.22 12.72
N HIS B 237 8.88 5.11 12.09
CA HIS B 237 9.25 4.91 10.70
C HIS B 237 8.46 5.80 9.74
N GLU B 238 7.21 6.11 10.10
CA GLU B 238 6.40 6.95 9.24
C GLU B 238 5.52 7.89 10.04
N ILE B 239 5.59 9.17 9.67
CA ILE B 239 4.59 10.14 10.12
C ILE B 239 3.99 10.74 8.89
N PHE B 240 2.69 10.53 8.75
CA PHE B 240 1.92 11.01 7.61
C PHE B 240 1.05 12.13 8.13
N ILE B 241 1.45 13.36 7.78
CA ILE B 241 0.76 14.53 8.30
C ILE B 241 0.10 15.32 7.16
N ARG B 242 -1.21 15.49 7.30
CA ARG B 242 -2.05 16.08 6.26
C ARG B 242 -2.66 17.39 6.74
N PRO B 243 -2.93 18.33 5.82
CA PRO B 243 -3.76 19.46 6.22
C PRO B 243 -5.17 18.97 6.53
N THR B 244 -5.70 19.37 7.69
CA THR B 244 -7.04 19.00 8.13
C THR B 244 -8.12 19.44 7.13
N ASP B 245 -7.87 20.57 6.46
CA ASP B 245 -8.84 21.12 5.51
C ASP B 245 -8.90 20.37 4.17
N GLN B 246 -7.92 19.49 3.92
CA GLN B 246 -7.73 18.88 2.61
C GLN B 246 -8.17 17.41 2.54
N VAL B 247 -9.20 17.13 1.75
CA VAL B 247 -9.60 15.74 1.49
C VAL B 247 -8.49 15.06 0.69
N PRO C 2 -11.53 -26.56 -26.33
CA PRO C 2 -10.63 -27.09 -25.32
C PRO C 2 -11.05 -26.78 -23.87
N SER C 3 -10.49 -27.55 -22.93
CA SER C 3 -11.02 -27.68 -21.57
C SER C 3 -9.89 -27.83 -20.56
N ALA C 4 -9.39 -26.71 -20.05
CA ALA C 4 -8.25 -26.69 -19.13
C ALA C 4 -8.56 -27.23 -17.74
N LEU C 5 -9.84 -27.36 -17.41
CA LEU C 5 -10.25 -27.71 -16.04
C LEU C 5 -11.07 -28.99 -16.00
N GLN C 6 -10.89 -29.82 -17.02
CA GLN C 6 -11.56 -31.11 -17.08
C GLN C 6 -11.29 -31.92 -15.81
N GLY C 7 -12.35 -32.46 -15.22
CA GLY C 7 -12.23 -33.29 -14.03
C GLY C 7 -12.01 -32.52 -12.72
N LYS C 8 -11.99 -31.19 -12.79
CA LYS C 8 -11.88 -30.36 -11.59
C LYS C 8 -13.25 -30.00 -11.04
N VAL C 9 -13.29 -29.73 -9.74
CA VAL C 9 -14.51 -29.31 -9.06
C VAL C 9 -14.33 -27.88 -8.53
N ALA C 10 -15.26 -27.01 -8.91
CA ALA C 10 -15.26 -25.62 -8.44
C ALA C 10 -16.52 -25.34 -7.63
N LEU C 11 -16.34 -24.76 -6.45
CA LEU C 11 -17.47 -24.27 -5.67
C LEU C 11 -17.49 -22.73 -5.74
N ILE C 12 -18.60 -22.18 -6.22
CA ILE C 12 -18.72 -20.73 -6.42
C ILE C 12 -19.85 -20.19 -5.53
N THR C 13 -19.50 -19.31 -4.59
CA THR C 13 -20.51 -18.66 -3.74
C THR C 13 -20.98 -17.40 -4.45
N GLY C 14 -22.21 -16.97 -4.18
CA GLY C 14 -22.80 -15.82 -4.88
C GLY C 14 -23.03 -16.11 -6.35
N ALA C 15 -23.50 -17.32 -6.65
CA ALA C 15 -23.59 -17.79 -8.03
C ALA C 15 -24.91 -17.44 -8.72
N SER C 16 -25.86 -16.88 -7.96
CA SER C 16 -27.22 -16.64 -8.45
C SER C 16 -27.35 -15.44 -9.38
N SER C 17 -26.34 -14.57 -9.41
CA SER C 17 -26.32 -13.40 -10.29
C SER C 17 -24.90 -12.86 -10.47
N GLY C 18 -24.77 -11.85 -11.33
CA GLY C 18 -23.55 -11.05 -11.45
C GLY C 18 -22.28 -11.81 -11.77
N ILE C 19 -21.20 -11.43 -11.07
CA ILE C 19 -19.88 -12.02 -11.27
C ILE C 19 -19.84 -13.53 -11.00
N GLY C 20 -20.52 -13.98 -9.95
CA GLY C 20 -20.51 -15.39 -9.58
C GLY C 20 -21.18 -16.27 -10.62
N GLU C 21 -22.28 -15.77 -11.19
CA GLU C 21 -22.97 -16.44 -12.29
C GLU C 21 -22.08 -16.59 -13.52
N ALA C 22 -21.45 -15.50 -13.92
CA ALA C 22 -20.54 -15.51 -15.06
C ALA C 22 -19.34 -16.43 -14.82
N THR C 23 -18.82 -16.42 -13.59
CA THR C 23 -17.67 -17.26 -13.22
C THR C 23 -18.03 -18.74 -13.25
N ALA C 24 -19.19 -19.08 -12.72
CA ALA C 24 -19.68 -20.47 -12.79
C ALA C 24 -19.83 -20.96 -14.24
N ARG C 25 -20.38 -20.12 -15.11
CA ARG C 25 -20.46 -20.44 -16.54
C ARG C 25 -19.07 -20.64 -17.16
N ALA C 26 -18.14 -19.73 -16.82
CA ALA C 26 -16.81 -19.74 -17.41
C ALA C 26 -16.04 -21.01 -17.02
N LEU C 27 -16.15 -21.39 -15.75
CA LEU C 27 -15.45 -22.55 -15.23
C LEU C 27 -16.03 -23.85 -15.80
N ALA C 28 -17.37 -23.91 -15.86
CA ALA C 28 -18.08 -25.02 -16.49
C ALA C 28 -17.68 -25.18 -17.96
N ALA C 29 -17.52 -24.05 -18.66
CA ALA C 29 -17.11 -24.06 -20.06
C ALA C 29 -15.69 -24.64 -20.23
N GLU C 30 -14.88 -24.54 -19.18
CA GLU C 30 -13.53 -25.12 -19.17
C GLU C 30 -13.52 -26.59 -18.71
N GLY C 31 -14.71 -27.13 -18.45
CA GLY C 31 -14.85 -28.54 -18.13
C GLY C 31 -14.96 -28.87 -16.65
N ALA C 32 -15.00 -27.83 -15.81
CA ALA C 32 -15.10 -28.03 -14.37
C ALA C 32 -16.53 -28.38 -13.97
N ALA C 33 -16.67 -29.30 -13.01
CA ALA C 33 -17.94 -29.52 -12.35
C ALA C 33 -18.14 -28.36 -11.38
N VAL C 34 -19.35 -27.81 -11.33
CA VAL C 34 -19.60 -26.62 -10.54
C VAL C 34 -20.67 -26.80 -9.47
N ALA C 35 -20.30 -26.54 -8.22
CA ALA C 35 -21.26 -26.41 -7.14
C ALA C 35 -21.57 -24.92 -7.02
N ILE C 36 -22.84 -24.58 -7.22
CA ILE C 36 -23.27 -23.19 -7.23
C ILE C 36 -24.08 -22.87 -5.97
N ALA C 37 -23.62 -21.87 -5.23
CA ALA C 37 -24.14 -21.55 -3.91
C ALA C 37 -24.62 -20.11 -3.79
N ALA C 38 -25.81 -19.95 -3.20
CA ALA C 38 -26.40 -18.64 -2.85
C ALA C 38 -27.73 -18.87 -2.14
N ARG C 39 -28.44 -17.79 -1.83
CA ARG C 39 -29.69 -17.85 -1.05
C ARG C 39 -30.95 -18.01 -1.92
N ARG C 40 -30.97 -17.34 -3.08
CA ARG C 40 -32.09 -17.44 -4.01
C ARG C 40 -31.99 -18.75 -4.80
N VAL C 41 -32.62 -19.81 -4.27
CA VAL C 41 -32.50 -21.13 -4.85
C VAL C 41 -33.13 -21.21 -6.24
N GLU C 42 -34.25 -20.50 -6.43
CA GLU C 42 -34.94 -20.42 -7.73
C GLU C 42 -33.99 -20.00 -8.86
N LYS C 43 -33.18 -18.97 -8.59
CA LYS C 43 -32.20 -18.48 -9.56
C LYS C 43 -31.06 -19.47 -9.79
N LEU C 44 -30.62 -20.11 -8.71
CA LEU C 44 -29.62 -21.19 -8.79
C LEU C 44 -30.08 -22.36 -9.63
N ARG C 45 -31.34 -22.76 -9.44
CA ARG C 45 -31.95 -23.86 -10.17
C ARG C 45 -32.02 -23.56 -11.66
N ALA C 46 -32.40 -22.33 -11.99
CA ALA C 46 -32.47 -21.85 -13.36
C ALA C 46 -31.09 -21.89 -14.04
N LEU C 47 -30.07 -21.40 -13.33
CA LEU C 47 -28.70 -21.48 -13.83
C LEU C 47 -28.22 -22.93 -13.94
N GLY C 48 -28.54 -23.73 -12.91
CA GLY C 48 -28.17 -25.14 -12.88
C GLY C 48 -28.76 -25.92 -14.05
N ASP C 49 -30.02 -25.63 -14.37
CA ASP C 49 -30.70 -26.20 -15.54
C ASP C 49 -29.96 -25.84 -16.83
N GLU C 50 -29.63 -24.56 -16.99
CA GLU C 50 -28.91 -24.03 -18.13
C GLU C 50 -27.57 -24.74 -18.32
N LEU C 51 -26.78 -24.81 -17.25
CA LEU C 51 -25.46 -25.44 -17.28
C LEU C 51 -25.54 -26.95 -17.54
N THR C 52 -26.46 -27.63 -16.85
CA THR C 52 -26.71 -29.06 -17.08
C THR C 52 -27.11 -29.34 -18.54
N ALA C 53 -27.96 -28.47 -19.09
CA ALA C 53 -28.40 -28.59 -20.49
C ALA C 53 -27.27 -28.34 -21.48
N ALA C 54 -26.25 -27.60 -21.06
CA ALA C 54 -25.05 -27.36 -21.86
C ALA C 54 -23.98 -28.45 -21.69
N GLY C 55 -24.32 -29.50 -20.95
CA GLY C 55 -23.41 -30.62 -20.70
C GLY C 55 -22.56 -30.57 -19.43
N ALA C 56 -22.83 -29.61 -18.55
CA ALA C 56 -22.05 -29.47 -17.32
C ALA C 56 -22.60 -30.32 -16.16
N LYS C 57 -21.72 -30.61 -15.19
CA LYS C 57 -22.07 -31.27 -13.94
C LYS C 57 -22.31 -30.21 -12.88
N VAL C 58 -23.53 -30.17 -12.34
CA VAL C 58 -23.93 -29.08 -11.44
C VAL C 58 -24.46 -29.61 -10.10
N HIS C 59 -24.05 -28.96 -9.02
CA HIS C 59 -24.57 -29.24 -7.69
C HIS C 59 -25.09 -27.95 -7.06
N VAL C 60 -26.40 -27.89 -6.84
CA VAL C 60 -27.04 -26.67 -6.36
C VAL C 60 -27.04 -26.64 -4.84
N LEU C 61 -26.54 -25.54 -4.29
CA LEU C 61 -26.43 -25.36 -2.84
C LEU C 61 -27.13 -24.10 -2.36
N GLU C 62 -28.21 -24.26 -1.58
CA GLU C 62 -28.80 -23.14 -0.88
C GLU C 62 -27.92 -22.84 0.33
N LEU C 63 -27.32 -21.65 0.34
CA LEU C 63 -26.34 -21.30 1.38
C LEU C 63 -26.34 -19.81 1.70
N ASP C 64 -26.37 -19.51 3.00
CA ASP C 64 -25.98 -18.20 3.54
C ASP C 64 -24.54 -18.34 4.04
N VAL C 65 -23.59 -17.62 3.44
CA VAL C 65 -22.17 -17.74 3.81
C VAL C 65 -21.89 -17.26 5.24
N ALA C 66 -22.77 -16.43 5.78
CA ALA C 66 -22.66 -15.94 7.15
C ALA C 66 -22.98 -17.03 8.19
N ASP C 67 -23.59 -18.12 7.71
CA ASP C 67 -24.00 -19.25 8.55
C ASP C 67 -22.88 -20.29 8.61
N ARG C 68 -22.14 -20.29 9.73
CA ARG C 68 -20.99 -21.15 9.97
C ARG C 68 -21.31 -22.63 9.72
N GLN C 69 -22.42 -23.09 10.29
CA GLN C 69 -22.88 -24.49 10.14
C GLN C 69 -23.30 -24.80 8.71
N GLY C 70 -23.97 -23.84 8.07
CA GLY C 70 -24.40 -23.97 6.68
C GLY C 70 -23.19 -24.08 5.76
N VAL C 71 -22.15 -23.30 6.06
CA VAL C 71 -20.89 -23.35 5.32
C VAL C 71 -20.29 -24.75 5.35
N ASP C 72 -20.11 -25.30 6.56
CA ASP C 72 -19.55 -26.65 6.75
C ASP C 72 -20.31 -27.73 5.98
N ALA C 73 -21.63 -27.66 6.06
CA ALA C 73 -22.49 -28.61 5.35
C ALA C 73 -22.40 -28.47 3.83
N ALA C 74 -22.34 -27.23 3.34
CA ALA C 74 -22.22 -26.95 1.90
C ALA C 74 -20.93 -27.48 1.28
N VAL C 75 -19.82 -27.32 1.98
CA VAL C 75 -18.54 -27.90 1.54
C VAL C 75 -18.59 -29.44 1.55
N ALA C 76 -19.11 -30.02 2.63
CA ALA C 76 -19.25 -31.47 2.75
C ALA C 76 -20.16 -32.05 1.67
N SER C 77 -21.24 -31.35 1.36
CA SER C 77 -22.19 -31.75 0.33
C SER C 77 -21.55 -31.76 -1.04
N THR C 78 -20.73 -30.74 -1.30
CA THR C 78 -20.01 -30.57 -2.57
C THR C 78 -19.03 -31.71 -2.82
N VAL C 79 -18.21 -32.02 -1.82
CA VAL C 79 -17.22 -33.09 -1.92
C VAL C 79 -17.89 -34.46 -2.02
N GLU C 80 -19.00 -34.64 -1.31
CA GLU C 80 -19.78 -35.87 -1.41
C GLU C 80 -20.38 -36.05 -2.81
N ALA C 81 -20.97 -34.98 -3.35
CA ALA C 81 -21.69 -35.05 -4.61
C ALA C 81 -20.77 -35.05 -5.83
N LEU C 82 -19.66 -34.33 -5.73
CA LEU C 82 -18.78 -34.11 -6.89
C LEU C 82 -17.37 -34.73 -6.76
N GLY C 83 -17.07 -35.32 -5.61
CA GLY C 83 -15.83 -36.11 -5.44
C GLY C 83 -14.62 -35.43 -4.83
N GLY C 84 -14.70 -34.12 -4.67
CA GLY C 84 -13.58 -33.35 -4.14
C GLY C 84 -13.78 -31.87 -4.36
N LEU C 85 -12.74 -31.09 -4.10
CA LEU C 85 -12.77 -29.64 -4.32
C LEU C 85 -11.41 -29.13 -4.79
N ASP C 86 -11.40 -28.50 -5.96
CA ASP C 86 -10.16 -28.02 -6.58
C ASP C 86 -10.09 -26.50 -6.62
N ILE C 87 -11.24 -25.85 -6.73
CA ILE C 87 -11.31 -24.40 -6.83
C ILE C 87 -12.46 -23.90 -5.96
N LEU C 88 -12.17 -22.94 -5.07
CA LEU C 88 -13.20 -22.21 -4.32
C LEU C 88 -13.22 -20.75 -4.81
N VAL C 89 -14.39 -20.28 -5.21
CA VAL C 89 -14.52 -18.85 -5.53
C VAL C 89 -15.40 -18.21 -4.46
N ASN C 90 -14.78 -17.43 -3.59
CA ASN C 90 -15.48 -16.68 -2.55
C ASN C 90 -16.00 -15.36 -3.12
N ASN C 91 -17.15 -15.45 -3.77
CA ASN C 91 -17.69 -14.31 -4.51
C ASN C 91 -18.90 -13.66 -3.84
N ALA C 92 -19.66 -14.42 -3.04
CA ALA C 92 -20.77 -13.86 -2.26
C ALA C 92 -20.37 -12.56 -1.55
N GLY C 93 -21.19 -11.53 -1.72
CA GLY C 93 -20.89 -10.23 -1.14
C GLY C 93 -21.97 -9.22 -1.36
N ILE C 94 -21.97 -8.19 -0.51
CA ILE C 94 -22.93 -7.08 -0.59
C ILE C 94 -22.22 -5.76 -0.38
N MET C 95 -22.71 -4.72 -1.05
CA MET C 95 -22.11 -3.38 -0.97
C MET C 95 -23.16 -2.36 -0.52
N LEU C 96 -23.06 -1.98 0.76
CA LEU C 96 -24.02 -1.07 1.35
C LEU C 96 -23.32 0.27 1.62
N LEU C 97 -23.54 1.21 0.70
CA LEU C 97 -22.84 2.49 0.73
C LEU C 97 -23.61 3.54 1.52
N GLY C 98 -22.88 4.51 2.05
CA GLY C 98 -23.45 5.58 2.85
C GLY C 98 -22.41 6.14 3.80
N PRO C 99 -22.66 7.36 4.31
CA PRO C 99 -21.70 7.96 5.25
C PRO C 99 -21.55 7.13 6.53
N VAL C 100 -20.46 7.32 7.25
CA VAL C 100 -20.32 6.76 8.58
C VAL C 100 -21.32 7.44 9.52
N GLU C 101 -21.37 8.77 9.42
CA GLU C 101 -22.22 9.57 10.29
C GLU C 101 -23.67 9.06 10.25
N ASP C 102 -24.20 8.78 11.43
CA ASP C 102 -25.57 8.31 11.64
C ASP C 102 -25.99 7.15 10.73
N ALA C 103 -25.02 6.28 10.41
CA ALA C 103 -25.29 5.13 9.54
C ALA C 103 -26.26 4.15 10.18
N ASP C 104 -26.98 3.42 9.34
CA ASP C 104 -27.74 2.25 9.74
C ASP C 104 -26.71 1.14 9.94
N THR C 105 -26.44 0.78 11.20
CA THR C 105 -25.34 -0.16 11.49
C THR C 105 -25.63 -1.60 11.09
N THR C 106 -26.88 -1.88 10.72
CA THR C 106 -27.23 -3.17 10.12
C THR C 106 -26.56 -3.32 8.76
N ASP C 107 -26.30 -2.19 8.08
CA ASP C 107 -25.46 -2.17 6.88
C ASP C 107 -24.12 -2.83 7.16
N TRP C 108 -23.54 -2.45 8.30
CA TRP C 108 -22.19 -2.86 8.68
C TRP C 108 -22.13 -4.34 9.02
N THR C 109 -23.05 -4.79 9.86
CA THR C 109 -23.05 -6.17 10.32
C THR C 109 -23.29 -7.10 9.15
N ARG C 110 -24.17 -6.70 8.23
CA ARG C 110 -24.45 -7.49 7.04
C ARG C 110 -23.21 -7.62 6.15
N MET C 111 -22.55 -6.50 5.87
CA MET C 111 -21.31 -6.52 5.08
C MET C 111 -20.19 -7.32 5.73
N ILE C 112 -19.99 -7.15 7.04
CA ILE C 112 -18.98 -7.92 7.76
C ILE C 112 -19.29 -9.43 7.77
N ASP C 113 -20.55 -9.77 8.04
CA ASP C 113 -20.98 -11.17 8.05
C ASP C 113 -20.77 -11.86 6.70
N THR C 114 -21.20 -11.19 5.63
CA THR C 114 -21.10 -11.76 4.29
C THR C 114 -19.70 -11.65 3.66
N ASN C 115 -19.19 -10.42 3.56
CA ASN C 115 -17.95 -10.11 2.83
C ASN C 115 -16.69 -10.61 3.49
N LEU C 116 -16.68 -10.57 4.81
CA LEU C 116 -15.48 -10.85 5.57
C LEU C 116 -15.59 -12.22 6.24
N LEU C 117 -16.48 -12.33 7.23
CA LEU C 117 -16.63 -13.56 7.99
C LEU C 117 -17.08 -14.76 7.14
N GLY C 118 -18.08 -14.55 6.29
CA GLY C 118 -18.54 -15.60 5.38
C GLY C 118 -17.45 -16.12 4.47
N LEU C 119 -16.67 -15.20 3.89
CA LEU C 119 -15.50 -15.55 3.08
C LEU C 119 -14.46 -16.36 3.87
N MET C 120 -14.19 -15.94 5.11
CA MET C 120 -13.24 -16.63 5.99
C MET C 120 -13.74 -18.02 6.40
N TYR C 121 -15.02 -18.13 6.74
CA TYR C 121 -15.63 -19.44 7.06
C TYR C 121 -15.51 -20.41 5.88
N MET C 122 -15.89 -19.95 4.69
CA MET C 122 -15.82 -20.77 3.49
C MET C 122 -14.39 -21.22 3.19
N THR C 123 -13.45 -20.28 3.26
CA THR C 123 -12.02 -20.55 3.11
C THR C 123 -11.55 -21.66 4.06
N ARG C 124 -11.89 -21.52 5.34
CA ARG C 124 -11.48 -22.48 6.38
C ARG C 124 -12.06 -23.89 6.16
N ALA C 125 -13.35 -23.96 5.82
CA ALA C 125 -14.03 -25.24 5.59
C ALA C 125 -13.49 -25.95 4.35
N ALA C 126 -13.15 -25.17 3.32
CA ALA C 126 -12.65 -25.71 2.07
C ALA C 126 -11.20 -26.15 2.14
N LEU C 127 -10.44 -25.54 3.05
CA LEU C 127 -8.99 -25.71 3.09
C LEU C 127 -8.48 -27.16 3.16
N PRO C 128 -9.05 -28.00 4.05
CA PRO C 128 -8.54 -29.39 4.03
C PRO C 128 -8.64 -30.04 2.66
N HIS C 129 -9.72 -29.74 1.93
CA HIS C 129 -9.96 -30.32 0.61
C HIS C 129 -9.03 -29.71 -0.43
N LEU C 130 -8.81 -28.40 -0.34
CA LEU C 130 -7.88 -27.70 -1.24
C LEU C 130 -6.45 -28.18 -1.03
N LEU C 131 -6.07 -28.41 0.22
CA LEU C 131 -4.74 -28.97 0.54
C LEU C 131 -4.48 -30.32 -0.14
N ARG C 132 -5.48 -31.21 -0.12
CA ARG C 132 -5.37 -32.52 -0.76
C ARG C 132 -5.23 -32.42 -2.27
N SER C 133 -5.96 -31.48 -2.88
CA SER C 133 -6.02 -31.34 -4.33
C SER C 133 -5.02 -30.31 -4.87
N LYS C 134 -4.27 -29.67 -3.97
CA LYS C 134 -3.37 -28.57 -4.32
C LYS C 134 -4.14 -27.57 -5.17
N GLY C 135 -5.29 -27.18 -4.64
CA GLY C 135 -6.24 -26.38 -5.37
C GLY C 135 -6.02 -24.89 -5.25
N THR C 136 -7.02 -24.15 -5.69
CA THR C 136 -6.94 -22.69 -5.76
C THR C 136 -8.14 -22.09 -5.05
N VAL C 137 -7.91 -21.13 -4.16
CA VAL C 137 -8.99 -20.31 -3.64
C VAL C 137 -8.90 -18.92 -4.27
N VAL C 138 -10.02 -18.50 -4.87
CA VAL C 138 -10.17 -17.20 -5.51
C VAL C 138 -11.03 -16.32 -4.61
N GLN C 139 -10.49 -15.18 -4.19
CA GLN C 139 -11.23 -14.23 -3.37
C GLN C 139 -11.72 -13.11 -4.24
N MET C 140 -13.03 -12.85 -4.20
CA MET C 140 -13.56 -11.72 -4.94
C MET C 140 -13.49 -10.46 -4.09
N SER C 141 -12.38 -9.74 -4.24
CA SER C 141 -12.18 -8.49 -3.54
C SER C 141 -12.76 -7.37 -4.42
N SER C 142 -12.07 -6.23 -4.47
CA SER C 142 -12.58 -5.07 -5.16
C SER C 142 -11.49 -4.01 -5.23
N ILE C 143 -11.69 -3.05 -6.12
CA ILE C 143 -10.98 -1.78 -6.08
C ILE C 143 -11.07 -1.20 -4.67
N ALA C 144 -12.16 -1.51 -3.98
CA ALA C 144 -12.42 -1.10 -2.60
C ALA C 144 -11.47 -1.75 -1.59
N GLY C 145 -10.73 -2.75 -2.03
CA GLY C 145 -9.68 -3.33 -1.22
C GLY C 145 -8.32 -2.68 -1.51
N ARG C 146 -8.30 -1.72 -2.44
CA ARG C 146 -7.03 -1.10 -2.88
C ARG C 146 -7.04 0.42 -2.76
N VAL C 147 -8.23 1.02 -2.86
CA VAL C 147 -8.36 2.46 -2.80
C VAL C 147 -9.60 2.83 -1.98
N ASN C 148 -9.51 3.92 -1.22
CA ASN C 148 -10.63 4.39 -0.42
C ASN C 148 -11.27 5.64 -1.02
N VAL C 149 -12.59 5.59 -1.18
CA VAL C 149 -13.39 6.78 -1.55
C VAL C 149 -14.48 7.01 -0.49
N ARG C 150 -15.02 8.24 -0.45
N ARG C 150 -15.03 8.22 -0.45
CA ARG C 150 -16.07 8.62 0.51
CA ARG C 150 -16.05 8.61 0.52
C ARG C 150 -17.31 7.73 0.41
C ARG C 150 -17.31 7.73 0.41
N ASN C 151 -17.98 7.56 1.55
CA ASN C 151 -19.25 6.82 1.64
C ASN C 151 -19.17 5.31 1.38
N ALA C 152 -17.98 4.75 1.53
CA ALA C 152 -17.81 3.31 1.40
C ALA C 152 -16.89 2.77 2.50
N ALA C 153 -16.88 3.46 3.64
CA ALA C 153 -15.96 3.15 4.77
C ALA C 153 -15.95 1.69 5.19
N VAL C 154 -17.11 1.16 5.55
CA VAL C 154 -17.21 -0.21 6.07
C VAL C 154 -17.03 -1.26 4.96
N TYR C 155 -17.55 -0.96 3.78
CA TYR C 155 -17.37 -1.85 2.64
C TYR C 155 -15.88 -1.98 2.31
N GLN C 156 -15.20 -0.84 2.21
CA GLN C 156 -13.76 -0.80 2.01
C GLN C 156 -13.00 -1.50 3.17
N ALA C 157 -13.50 -1.35 4.39
CA ALA C 157 -12.92 -2.09 5.52
C ALA C 157 -12.96 -3.60 5.29
N THR C 158 -14.11 -4.10 4.81
CA THR C 158 -14.25 -5.54 4.55
C THR C 158 -13.34 -6.02 3.43
N LYS C 159 -13.19 -5.22 2.37
CA LYS C 159 -12.38 -5.62 1.22
C LYS C 159 -10.86 -5.55 1.46
N PHE C 160 -10.40 -4.48 2.12
CA PHE C 160 -9.02 -4.40 2.61
C PHE C 160 -8.75 -5.58 3.57
N GLY C 161 -9.74 -5.89 4.40
CA GLY C 161 -9.69 -7.03 5.31
C GLY C 161 -9.53 -8.36 4.58
N VAL C 162 -10.34 -8.57 3.55
CA VAL C 162 -10.23 -9.75 2.67
C VAL C 162 -8.81 -9.87 2.10
N ASN C 163 -8.24 -8.77 1.64
CA ASN C 163 -6.90 -8.80 1.05
C ASN C 163 -5.80 -9.19 2.04
N ALA C 164 -5.86 -8.62 3.26
CA ALA C 164 -4.88 -8.95 4.28
C ALA C 164 -5.05 -10.40 4.74
N PHE C 165 -6.30 -10.82 4.99
CA PHE C 165 -6.59 -12.23 5.29
C PHE C 165 -5.98 -13.15 4.23
N SER C 166 -6.15 -12.80 2.96
CA SER C 166 -5.76 -13.65 1.85
C SER C 166 -4.25 -13.67 1.59
N GLU C 167 -3.59 -12.53 1.73
CA GLU C 167 -2.12 -12.50 1.68
C GLU C 167 -1.53 -13.35 2.79
N THR C 168 -2.10 -13.24 3.99
CA THR C 168 -1.64 -14.01 5.13
C THR C 168 -1.88 -15.50 4.88
N LEU C 169 -3.08 -15.84 4.42
CA LEU C 169 -3.39 -17.21 3.98
C LEU C 169 -2.36 -17.74 2.96
N ARG C 170 -2.04 -16.93 1.96
CA ARG C 170 -1.01 -17.30 0.97
C ARG C 170 0.29 -17.70 1.65
N GLN C 171 0.77 -16.87 2.57
CA GLN C 171 1.97 -17.20 3.31
C GLN C 171 1.88 -18.54 4.05
N GLU C 172 0.70 -18.83 4.61
CA GLU C 172 0.47 -20.05 5.40
C GLU C 172 0.33 -21.35 4.59
N VAL C 173 -0.23 -21.26 3.38
CA VAL C 173 -0.59 -22.48 2.62
C VAL C 173 0.14 -22.64 1.28
N THR C 174 0.81 -21.58 0.81
CA THR C 174 1.37 -21.58 -0.54
C THR C 174 2.39 -22.67 -0.78
N GLU C 175 3.20 -22.97 0.23
CA GLU C 175 4.24 -24.00 0.14
C GLU C 175 3.67 -25.42 0.04
N ARG C 176 2.42 -25.59 0.47
CA ARG C 176 1.72 -26.86 0.33
C ARG C 176 0.90 -26.91 -0.97
N GLY C 177 1.09 -25.91 -1.82
CA GLY C 177 0.51 -25.91 -3.16
C GLY C 177 -0.92 -25.43 -3.30
N VAL C 178 -1.43 -24.75 -2.27
CA VAL C 178 -2.74 -24.13 -2.37
C VAL C 178 -2.51 -22.69 -2.83
N ARG C 179 -3.04 -22.36 -4.01
CA ARG C 179 -2.85 -21.04 -4.59
C ARG C 179 -3.93 -20.09 -4.09
N VAL C 180 -3.51 -18.88 -3.71
CA VAL C 180 -4.43 -17.84 -3.29
C VAL C 180 -4.44 -16.72 -4.34
N VAL C 181 -5.61 -16.55 -4.94
CA VAL C 181 -5.82 -15.59 -6.01
C VAL C 181 -6.80 -14.54 -5.47
N VAL C 182 -6.46 -13.26 -5.68
CA VAL C 182 -7.36 -12.18 -5.29
C VAL C 182 -7.70 -11.33 -6.50
N ILE C 183 -9.00 -11.28 -6.82
CA ILE C 183 -9.49 -10.53 -7.96
C ILE C 183 -10.07 -9.23 -7.43
N GLU C 184 -9.69 -8.12 -8.07
CA GLU C 184 -10.10 -6.80 -7.64
C GLU C 184 -10.72 -6.00 -8.79
N PRO C 185 -12.02 -6.20 -9.04
CA PRO C 185 -12.71 -5.43 -10.05
C PRO C 185 -13.01 -4.01 -9.60
N GLY C 186 -12.95 -3.08 -10.55
CA GLY C 186 -13.59 -1.79 -10.41
C GLY C 186 -15.05 -1.95 -10.76
N THR C 187 -15.73 -0.84 -11.03
CA THR C 187 -17.17 -0.84 -11.33
C THR C 187 -17.57 -1.85 -12.42
N THR C 188 -18.42 -2.79 -12.01
CA THR C 188 -18.88 -3.90 -12.82
C THR C 188 -20.41 -3.90 -12.81
N ASP C 189 -21.01 -4.09 -13.98
CA ASP C 189 -22.45 -3.95 -14.14
C ASP C 189 -23.18 -5.19 -13.61
N THR C 190 -23.57 -5.15 -12.34
CA THR C 190 -24.28 -6.24 -11.69
C THR C 190 -25.49 -5.72 -10.89
N GLU C 191 -26.13 -6.63 -10.16
CA GLU C 191 -27.21 -6.29 -9.23
C GLU C 191 -26.70 -5.64 -7.93
N LEU C 192 -25.39 -5.72 -7.69
CA LEU C 192 -24.79 -5.29 -6.40
C LEU C 192 -25.37 -3.97 -5.86
N ARG C 193 -25.36 -2.92 -6.70
CA ARG C 193 -25.71 -1.58 -6.24
C ARG C 193 -27.19 -1.40 -5.88
N GLY C 194 -28.04 -2.30 -6.38
CA GLY C 194 -29.47 -2.24 -6.11
C GLY C 194 -29.80 -2.40 -4.62
N HIS C 195 -28.83 -2.90 -3.86
CA HIS C 195 -29.04 -3.21 -2.44
C HIS C 195 -28.73 -2.07 -1.46
N ILE C 196 -28.00 -1.05 -1.91
CA ILE C 196 -27.64 0.11 -1.07
C ILE C 196 -28.87 0.65 -0.33
N THR C 197 -28.80 0.74 0.99
CA THR C 197 -29.95 1.18 1.78
C THR C 197 -29.99 2.69 2.01
N HIS C 198 -28.83 3.35 1.91
CA HIS C 198 -28.79 4.81 2.01
C HIS C 198 -29.16 5.42 0.65
N THR C 199 -30.36 5.97 0.58
CA THR C 199 -30.97 6.39 -0.68
C THR C 199 -30.19 7.49 -1.40
N ALA C 200 -29.79 8.52 -0.66
CA ALA C 200 -28.96 9.60 -1.20
C ALA C 200 -27.64 9.09 -1.80
N THR C 201 -26.99 8.14 -1.12
CA THR C 201 -25.71 7.60 -1.58
C THR C 201 -25.91 6.69 -2.81
N LYS C 202 -26.97 5.88 -2.77
CA LYS C 202 -27.36 5.02 -3.89
C LYS C 202 -27.49 5.84 -5.18
N GLU C 203 -28.18 6.98 -5.07
CA GLU C 203 -28.37 7.91 -6.18
C GLU C 203 -27.06 8.55 -6.62
N MET C 204 -26.25 8.96 -5.66
CA MET C 204 -24.96 9.60 -5.91
C MET C 204 -24.01 8.64 -6.65
N TYR C 205 -24.01 7.38 -6.21
CA TYR C 205 -23.20 6.34 -6.82
C TYR C 205 -23.64 6.07 -8.27
N GLU C 206 -24.95 5.94 -8.46
CA GLU C 206 -25.52 5.69 -9.78
C GLU C 206 -25.12 6.77 -10.79
N GLN C 207 -25.19 8.03 -10.38
CA GLN C 207 -24.77 9.14 -11.22
C GLN C 207 -23.26 9.11 -11.52
N ARG C 208 -22.45 8.75 -10.53
CA ARG C 208 -21.01 8.72 -10.71
C ARG C 208 -20.58 7.67 -11.74
N ILE C 209 -21.25 6.52 -11.75
CA ILE C 209 -20.89 5.42 -12.64
C ILE C 209 -21.67 5.41 -13.97
N SER C 210 -22.55 6.39 -14.15
CA SER C 210 -23.39 6.44 -15.35
C SER C 210 -22.61 6.90 -16.58
N GLN C 211 -21.44 7.46 -16.34
CA GLN C 211 -20.63 8.15 -17.36
C GLN C 211 -19.47 7.30 -17.89
N ILE C 212 -19.42 6.04 -17.48
CA ILE C 212 -18.33 5.15 -17.86
C ILE C 212 -18.85 3.87 -18.50
N ARG C 213 -18.05 3.28 -19.39
CA ARG C 213 -18.30 1.90 -19.79
C ARG C 213 -17.84 1.04 -18.61
N LYS C 214 -18.82 0.37 -18.00
CA LYS C 214 -18.57 -0.49 -16.86
C LYS C 214 -17.92 -1.80 -17.27
N LEU C 215 -17.19 -2.40 -16.34
CA LEU C 215 -16.71 -3.76 -16.52
C LEU C 215 -17.92 -4.68 -16.60
N GLN C 216 -17.79 -5.77 -17.35
CA GLN C 216 -18.87 -6.73 -17.43
C GLN C 216 -18.55 -7.91 -16.53
N ALA C 217 -19.60 -8.56 -16.02
CA ALA C 217 -19.44 -9.75 -15.20
C ALA C 217 -18.54 -10.78 -15.92
N GLN C 218 -18.72 -10.90 -17.23
CA GLN C 218 -17.91 -11.76 -18.10
C GLN C 218 -16.42 -11.43 -18.12
N ASP C 219 -16.09 -10.14 -18.02
CA ASP C 219 -14.69 -9.69 -17.92
C ASP C 219 -14.05 -10.25 -16.66
N ILE C 220 -14.79 -10.20 -15.56
CA ILE C 220 -14.28 -10.65 -14.27
C ILE C 220 -14.12 -12.18 -14.25
N ALA C 221 -15.11 -12.87 -14.81
CA ALA C 221 -15.05 -14.32 -15.00
C ALA C 221 -13.81 -14.72 -15.81
N GLU C 222 -13.47 -13.93 -16.83
CA GLU C 222 -12.28 -14.17 -17.62
C GLU C 222 -10.98 -13.99 -16.82
N ALA C 223 -10.96 -13.01 -15.91
CA ALA C 223 -9.84 -12.83 -14.98
C ALA C 223 -9.64 -14.07 -14.12
N VAL C 224 -10.74 -14.56 -13.54
CA VAL C 224 -10.73 -15.79 -12.74
C VAL C 224 -10.21 -16.97 -13.57
N ARG C 225 -10.72 -17.10 -14.79
CA ARG C 225 -10.33 -18.16 -15.70
C ARG C 225 -8.82 -18.13 -15.98
N TYR C 226 -8.29 -16.94 -16.28
CA TYR C 226 -6.87 -16.77 -16.53
C TYR C 226 -6.08 -17.22 -15.31
N ALA C 227 -6.49 -16.78 -14.13
CA ALA C 227 -5.76 -17.11 -12.90
C ALA C 227 -5.77 -18.61 -12.54
N VAL C 228 -6.93 -19.26 -12.68
CA VAL C 228 -7.03 -20.66 -12.26
C VAL C 228 -6.46 -21.64 -13.29
N THR C 229 -6.37 -21.21 -14.56
CA THR C 229 -5.78 -22.07 -15.60
C THR C 229 -4.27 -21.86 -15.77
N ALA C 230 -3.71 -20.89 -15.05
CA ALA C 230 -2.25 -20.69 -14.99
C ALA C 230 -1.60 -21.95 -14.43
N PRO C 231 -0.37 -22.27 -14.89
CA PRO C 231 0.30 -23.47 -14.38
C PRO C 231 0.46 -23.41 -12.86
N HIS C 232 0.46 -24.58 -12.22
CA HIS C 232 0.43 -24.66 -10.76
C HIS C 232 1.56 -23.90 -10.06
N HIS C 233 2.73 -23.85 -10.70
CA HIS C 233 3.89 -23.14 -10.14
C HIS C 233 3.72 -21.61 -10.11
N ALA C 234 2.68 -21.12 -10.77
CA ALA C 234 2.38 -19.69 -10.80
C ALA C 234 1.13 -19.39 -10.00
N THR C 235 1.24 -18.49 -9.03
CA THR C 235 0.10 -18.00 -8.29
C THR C 235 -0.15 -16.55 -8.72
N VAL C 236 -1.25 -16.35 -9.45
CA VAL C 236 -1.64 -14.99 -9.83
C VAL C 236 -2.36 -14.41 -8.63
N HIS C 237 -1.57 -13.83 -7.72
CA HIS C 237 -2.11 -13.43 -6.44
C HIS C 237 -3.05 -12.22 -6.50
N GLU C 238 -2.83 -11.33 -7.46
CA GLU C 238 -3.65 -10.14 -7.58
C GLU C 238 -3.88 -9.78 -9.03
N ILE C 239 -5.15 -9.60 -9.38
CA ILE C 239 -5.50 -9.00 -10.65
C ILE C 239 -6.38 -7.82 -10.32
N PHE C 240 -5.90 -6.64 -10.66
CA PHE C 240 -6.59 -5.38 -10.39
C PHE C 240 -7.06 -4.87 -11.74
N ILE C 241 -8.37 -4.95 -11.96
CA ILE C 241 -8.94 -4.60 -13.24
C ILE C 241 -9.90 -3.43 -13.08
N ARG C 242 -9.59 -2.35 -13.79
CA ARG C 242 -10.32 -1.09 -13.71
C ARG C 242 -11.06 -0.78 -15.02
N PRO C 243 -12.18 -0.05 -14.94
CA PRO C 243 -12.76 0.48 -16.18
C PRO C 243 -11.79 1.49 -16.74
N THR C 244 -11.45 1.35 -18.01
CA THR C 244 -10.58 2.29 -18.72
C THR C 244 -11.09 3.75 -18.66
N ASP C 245 -12.41 3.90 -18.57
CA ASP C 245 -13.04 5.22 -18.64
C ASP C 245 -12.96 5.97 -17.31
N GLN C 246 -12.57 5.25 -16.27
CA GLN C 246 -12.65 5.76 -14.90
C GLN C 246 -11.30 6.13 -14.27
N VAL C 247 -11.11 7.42 -14.02
CA VAL C 247 -9.95 7.89 -13.25
C VAL C 247 -10.03 7.34 -11.82
N SER D 3 -6.20 -14.95 -33.41
CA SER D 3 -5.28 -13.77 -33.56
C SER D 3 -5.97 -12.47 -33.14
N ALA D 4 -5.96 -12.23 -31.83
CA ALA D 4 -6.64 -11.08 -31.22
C ALA D 4 -5.98 -9.73 -31.53
N LEU D 5 -4.75 -9.76 -32.02
CA LEU D 5 -3.98 -8.53 -32.22
C LEU D 5 -3.62 -8.27 -33.67
N GLN D 6 -4.35 -8.92 -34.59
CA GLN D 6 -4.12 -8.73 -36.01
C GLN D 6 -4.14 -7.25 -36.36
N GLY D 7 -3.15 -6.81 -37.13
CA GLY D 7 -3.06 -5.43 -37.58
C GLY D 7 -2.58 -4.43 -36.54
N LYS D 8 -2.25 -4.92 -35.34
CA LYS D 8 -1.72 -4.06 -34.27
C LYS D 8 -0.20 -4.04 -34.31
N VAL D 9 0.39 -2.96 -33.80
CA VAL D 9 1.84 -2.81 -33.73
C VAL D 9 2.28 -2.75 -32.27
N ALA D 10 3.19 -3.65 -31.90
CA ALA D 10 3.75 -3.66 -30.55
C ALA D 10 5.24 -3.34 -30.58
N LEU D 11 5.68 -2.45 -29.69
CA LEU D 11 7.09 -2.17 -29.49
C LEU D 11 7.51 -2.72 -28.14
N ILE D 12 8.47 -3.63 -28.16
CA ILE D 12 8.92 -4.29 -26.92
C ILE D 12 10.39 -3.93 -26.67
N THR D 13 10.65 -3.27 -25.54
CA THR D 13 12.03 -2.98 -25.14
C THR D 13 12.55 -4.17 -24.33
N GLY D 14 13.86 -4.38 -24.33
CA GLY D 14 14.46 -5.54 -23.66
C GLY D 14 14.05 -6.85 -24.30
N ALA D 15 14.01 -6.86 -25.63
CA ALA D 15 13.46 -8.01 -26.34
C ALA D 15 14.50 -9.08 -26.66
N SER D 16 15.76 -8.81 -26.35
CA SER D 16 16.88 -9.70 -26.74
C SER D 16 17.00 -10.97 -25.90
N SER D 17 16.34 -10.99 -24.74
CA SER D 17 16.33 -12.17 -23.87
C SER D 17 15.15 -12.14 -22.91
N GLY D 18 14.99 -13.21 -22.14
CA GLY D 18 14.06 -13.27 -21.01
C GLY D 18 12.61 -12.96 -21.28
N ILE D 19 12.03 -12.16 -20.40
CA ILE D 19 10.61 -11.80 -20.45
C ILE D 19 10.25 -11.07 -21.76
N GLY D 20 11.07 -10.12 -22.18
CA GLY D 20 10.82 -9.34 -23.39
C GLY D 20 10.80 -10.20 -24.65
N GLU D 21 11.70 -11.18 -24.69
CA GLU D 21 11.77 -12.12 -25.82
C GLU D 21 10.51 -12.97 -25.90
N ALA D 22 10.10 -13.52 -24.76
CA ALA D 22 8.87 -14.31 -24.69
C ALA D 22 7.63 -13.48 -25.02
N THR D 23 7.61 -12.23 -24.55
CA THR D 23 6.49 -11.32 -24.82
C THR D 23 6.38 -10.98 -26.32
N ALA D 24 7.51 -10.69 -26.95
CA ALA D 24 7.55 -10.42 -28.39
C ALA D 24 7.00 -11.61 -29.20
N ARG D 25 7.39 -12.82 -28.79
CA ARG D 25 6.88 -14.05 -29.40
C ARG D 25 5.37 -14.18 -29.22
N ALA D 26 4.92 -13.92 -27.98
CA ALA D 26 3.52 -14.08 -27.63
C ALA D 26 2.64 -13.12 -28.41
N LEU D 27 3.08 -11.86 -28.52
CA LEU D 27 2.31 -10.85 -29.22
C LEU D 27 2.30 -11.08 -30.73
N ALA D 28 3.46 -11.48 -31.28
CA ALA D 28 3.53 -11.87 -32.70
C ALA D 28 2.62 -13.06 -33.01
N ALA D 29 2.53 -14.01 -32.07
CA ALA D 29 1.65 -15.17 -32.22
C ALA D 29 0.17 -14.78 -32.26
N GLU D 30 -0.16 -13.66 -31.63
CA GLU D 30 -1.51 -13.08 -31.67
C GLU D 30 -1.75 -12.19 -32.90
N GLY D 31 -0.76 -12.11 -33.80
CA GLY D 31 -0.89 -11.38 -35.06
C GLY D 31 -0.35 -9.96 -35.06
N ALA D 32 0.28 -9.56 -33.96
CA ALA D 32 0.85 -8.21 -33.88
C ALA D 32 2.16 -8.11 -34.65
N ALA D 33 2.36 -6.98 -35.34
CA ALA D 33 3.67 -6.63 -35.85
C ALA D 33 4.51 -6.18 -34.67
N VAL D 34 5.78 -6.62 -34.62
CA VAL D 34 6.62 -6.37 -33.45
C VAL D 34 7.90 -5.62 -33.78
N ALA D 35 8.07 -4.47 -33.14
CA ALA D 35 9.36 -3.79 -33.14
C ALA D 35 10.09 -4.26 -31.89
N ILE D 36 11.23 -4.90 -32.10
CA ILE D 36 12.00 -5.46 -30.99
C ILE D 36 13.27 -4.63 -30.72
N ALA D 37 13.38 -4.14 -29.49
CA ALA D 37 14.42 -3.17 -29.12
C ALA D 37 15.29 -3.65 -27.97
N ALA D 38 16.61 -3.48 -28.13
CA ALA D 38 17.61 -3.81 -27.12
C ALA D 38 18.99 -3.40 -27.64
N ARG D 39 20.03 -3.65 -26.85
CA ARG D 39 21.39 -3.25 -27.23
C ARG D 39 22.16 -4.34 -27.99
N ARG D 40 21.94 -5.60 -27.63
CA ARG D 40 22.57 -6.72 -28.33
C ARG D 40 21.87 -6.98 -29.66
N VAL D 41 22.31 -6.30 -30.71
CA VAL D 41 21.70 -6.40 -32.04
C VAL D 41 21.72 -7.81 -32.62
N GLU D 42 22.82 -8.54 -32.40
CA GLU D 42 22.93 -9.90 -32.93
C GLU D 42 21.86 -10.83 -32.38
N LYS D 43 21.53 -10.69 -31.09
CA LYS D 43 20.44 -11.46 -30.48
C LYS D 43 19.07 -11.05 -31.02
N LEU D 44 18.87 -9.75 -31.21
CA LEU D 44 17.63 -9.24 -31.82
C LEU D 44 17.45 -9.74 -33.24
N ARG D 45 18.53 -9.75 -34.03
CA ARG D 45 18.48 -10.23 -35.41
C ARG D 45 18.09 -11.71 -35.45
N ALA D 46 18.67 -12.49 -34.55
CA ALA D 46 18.35 -13.92 -34.43
C ALA D 46 16.89 -14.16 -34.08
N LEU D 47 16.37 -13.38 -33.14
CA LEU D 47 14.94 -13.43 -32.79
C LEU D 47 14.07 -12.95 -33.95
N GLY D 48 14.49 -11.84 -34.57
CA GLY D 48 13.78 -11.27 -35.72
C GLY D 48 13.67 -12.25 -36.89
N ASP D 49 14.75 -12.99 -37.15
CA ASP D 49 14.74 -14.04 -38.16
C ASP D 49 13.74 -15.14 -37.83
N GLU D 50 13.77 -15.60 -36.58
CA GLU D 50 12.85 -16.63 -36.10
C GLU D 50 11.40 -16.19 -36.25
N LEU D 51 11.08 -14.98 -35.81
CA LEU D 51 9.72 -14.45 -35.90
C LEU D 51 9.26 -14.23 -37.33
N THR D 52 10.14 -13.69 -38.18
CA THR D 52 9.86 -13.48 -39.60
C THR D 52 9.64 -14.81 -40.30
N ALA D 53 10.45 -15.82 -39.94
CA ALA D 53 10.31 -17.16 -40.53
C ALA D 53 9.02 -17.82 -40.08
N ALA D 54 8.49 -17.37 -38.95
CA ALA D 54 7.20 -17.84 -38.43
C ALA D 54 6.01 -17.03 -38.99
N GLY D 55 6.28 -16.10 -39.89
CA GLY D 55 5.24 -15.33 -40.56
C GLY D 55 4.94 -13.99 -39.94
N ALA D 56 5.75 -13.56 -38.97
CA ALA D 56 5.55 -12.25 -38.33
C ALA D 56 6.23 -11.10 -39.07
N LYS D 57 5.70 -9.90 -38.84
CA LYS D 57 6.31 -8.66 -39.33
C LYS D 57 7.20 -8.10 -38.22
N VAL D 58 8.49 -7.96 -38.51
CA VAL D 58 9.47 -7.57 -37.47
C VAL D 58 10.27 -6.32 -37.86
N HIS D 59 10.47 -5.43 -36.89
CA HIS D 59 11.34 -4.27 -37.06
C HIS D 59 12.39 -4.27 -35.94
N VAL D 60 13.65 -4.47 -36.33
CA VAL D 60 14.74 -4.57 -35.36
C VAL D 60 15.26 -3.18 -34.97
N LEU D 61 15.31 -2.90 -33.66
CA LEU D 61 15.79 -1.61 -33.17
C LEU D 61 16.94 -1.76 -32.18
N GLU D 62 18.12 -1.30 -32.58
CA GLU D 62 19.23 -1.17 -31.64
C GLU D 62 18.95 0.06 -30.80
N LEU D 63 18.77 -0.14 -29.49
CA LEU D 63 18.35 0.94 -28.59
C LEU D 63 18.86 0.76 -27.17
N ASP D 64 19.42 1.85 -26.64
CA ASP D 64 19.67 2.02 -25.22
C ASP D 64 18.54 2.93 -24.71
N VAL D 65 17.67 2.40 -23.85
CA VAL D 65 16.51 3.15 -23.36
C VAL D 65 16.89 4.37 -22.51
N ALA D 66 18.09 4.35 -21.94
CA ALA D 66 18.62 5.47 -21.16
C ALA D 66 18.97 6.68 -22.03
N ASP D 67 19.09 6.45 -23.34
CA ASP D 67 19.39 7.50 -24.30
C ASP D 67 18.10 8.15 -24.81
N ARG D 68 17.84 9.37 -24.33
CA ARG D 68 16.61 10.10 -24.70
C ARG D 68 16.45 10.30 -26.20
N GLN D 69 17.53 10.71 -26.88
CA GLN D 69 17.53 10.90 -28.34
C GLN D 69 17.28 9.58 -29.08
N GLY D 70 17.94 8.51 -28.62
CA GLY D 70 17.77 7.19 -29.20
C GLY D 70 16.34 6.69 -29.05
N VAL D 71 15.75 6.98 -27.90
CA VAL D 71 14.35 6.64 -27.63
C VAL D 71 13.42 7.29 -28.67
N ASP D 72 13.56 8.60 -28.86
CA ASP D 72 12.72 9.36 -29.78
C ASP D 72 12.83 8.82 -31.21
N ALA D 73 14.05 8.47 -31.62
CA ALA D 73 14.32 7.94 -32.95
C ALA D 73 13.73 6.53 -33.12
N ALA D 74 13.82 5.72 -32.07
CA ALA D 74 13.31 4.35 -32.07
C ALA D 74 11.80 4.31 -32.28
N VAL D 75 11.09 5.19 -31.58
CA VAL D 75 9.64 5.31 -31.73
C VAL D 75 9.25 5.80 -33.12
N ALA D 76 9.93 6.84 -33.58
CA ALA D 76 9.71 7.37 -34.93
C ALA D 76 9.99 6.33 -36.01
N SER D 77 11.03 5.54 -35.81
CA SER D 77 11.42 4.47 -36.74
C SER D 77 10.34 3.39 -36.82
N THR D 78 9.78 3.03 -35.67
CA THR D 78 8.73 2.03 -35.54
C THR D 78 7.45 2.43 -36.29
N VAL D 79 7.01 3.67 -36.05
CA VAL D 79 5.80 4.22 -36.66
C VAL D 79 5.96 4.34 -38.16
N GLU D 80 7.17 4.75 -38.58
CA GLU D 80 7.51 4.83 -40.00
C GLU D 80 7.50 3.45 -40.67
N ALA D 81 8.12 2.46 -40.02
CA ALA D 81 8.29 1.15 -40.64
C ALA D 81 7.03 0.28 -40.55
N LEU D 82 6.25 0.44 -39.47
CA LEU D 82 5.12 -0.44 -39.20
C LEU D 82 3.74 0.24 -39.20
N GLY D 83 3.72 1.56 -39.38
CA GLY D 83 2.48 2.29 -39.65
C GLY D 83 1.79 2.94 -38.46
N GLY D 84 2.28 2.65 -37.26
CA GLY D 84 1.66 3.18 -36.04
C GLY D 84 2.19 2.47 -34.82
N LEU D 85 1.56 2.71 -33.68
CA LEU D 85 1.92 2.08 -32.40
C LEU D 85 0.69 1.86 -31.54
N ASP D 86 0.42 0.59 -31.23
CA ASP D 86 -0.77 0.18 -30.47
C ASP D 86 -0.43 -0.31 -29.07
N ILE D 87 0.74 -0.91 -28.94
CA ILE D 87 1.17 -1.50 -27.68
C ILE D 87 2.64 -1.18 -27.46
N LEU D 88 2.94 -0.59 -26.31
CA LEU D 88 4.33 -0.44 -25.87
C LEU D 88 4.57 -1.34 -24.66
N VAL D 89 5.61 -2.16 -24.72
CA VAL D 89 6.01 -2.94 -23.55
C VAL D 89 7.35 -2.42 -23.03
N ASN D 90 7.30 -1.72 -21.90
CA ASN D 90 8.51 -1.22 -21.27
C ASN D 90 9.13 -2.29 -20.38
N ASN D 91 9.91 -3.17 -21.01
CA ASN D 91 10.44 -4.33 -20.32
C ASN D 91 11.94 -4.23 -20.01
N ALA D 92 12.67 -3.45 -20.80
CA ALA D 92 14.10 -3.22 -20.55
C ALA D 92 14.33 -2.90 -19.07
N GLY D 93 15.26 -3.63 -18.46
CA GLY D 93 15.56 -3.45 -17.05
C GLY D 93 16.78 -4.24 -16.61
N ILE D 94 17.37 -3.81 -15.49
CA ILE D 94 18.48 -4.49 -14.87
C ILE D 94 18.30 -4.52 -13.36
N MET D 95 18.75 -5.60 -12.73
CA MET D 95 18.66 -5.77 -11.29
C MET D 95 20.03 -5.97 -10.67
N LEU D 96 20.50 -4.93 -10.00
CA LEU D 96 21.82 -4.95 -9.38
C LEU D 96 21.65 -4.93 -7.88
N LEU D 97 21.76 -6.11 -7.27
CA LEU D 97 21.49 -6.29 -5.85
C LEU D 97 22.75 -6.14 -5.02
N GLY D 98 22.56 -5.76 -3.75
CA GLY D 98 23.66 -5.54 -2.82
C GLY D 98 23.22 -4.58 -1.73
N PRO D 99 23.94 -4.55 -0.59
CA PRO D 99 23.62 -3.63 0.49
C PRO D 99 23.73 -2.17 0.05
N VAL D 100 23.01 -1.29 0.73
CA VAL D 100 23.21 0.16 0.55
C VAL D 100 24.61 0.54 1.03
N GLU D 101 25.01 -0.01 2.19
CA GLU D 101 26.31 0.26 2.81
C GLU D 101 27.45 0.00 1.82
N ASP D 102 28.30 1.02 1.65
CA ASP D 102 29.47 0.98 0.77
C ASP D 102 29.19 0.44 -0.64
N ALA D 103 27.97 0.66 -1.14
CA ALA D 103 27.58 0.21 -2.48
C ALA D 103 28.40 0.87 -3.58
N ASP D 104 28.52 0.15 -4.70
CA ASP D 104 29.05 0.68 -5.93
C ASP D 104 27.89 1.48 -6.52
N THR D 105 27.99 2.81 -6.49
CA THR D 105 26.85 3.65 -6.89
C THR D 105 26.61 3.68 -8.40
N THR D 106 27.53 3.13 -9.18
CA THR D 106 27.27 2.91 -10.59
C THR D 106 26.11 1.90 -10.78
N ASP D 107 25.96 0.98 -9.83
CA ASP D 107 24.79 0.10 -9.76
C ASP D 107 23.50 0.93 -9.79
N TRP D 108 23.50 1.99 -8.99
CA TRP D 108 22.32 2.82 -8.79
C TRP D 108 21.98 3.63 -10.03
N THR D 109 22.99 4.27 -10.61
CA THR D 109 22.78 5.14 -11.76
C THR D 109 22.33 4.32 -12.96
N ARG D 110 22.91 3.12 -13.12
CA ARG D 110 22.48 2.18 -14.15
C ARG D 110 21.01 1.78 -14.01
N MET D 111 20.62 1.37 -12.80
CA MET D 111 19.22 0.96 -12.54
C MET D 111 18.25 2.10 -12.74
N ILE D 112 18.60 3.28 -12.26
CA ILE D 112 17.74 4.45 -12.44
C ILE D 112 17.60 4.85 -13.91
N ASP D 113 18.71 4.89 -14.65
CA ASP D 113 18.69 5.22 -16.07
C ASP D 113 17.83 4.25 -16.89
N THR D 114 18.04 2.95 -16.66
CA THR D 114 17.33 1.93 -17.42
C THR D 114 15.89 1.70 -16.92
N ASN D 115 15.78 1.33 -15.65
CA ASN D 115 14.49 0.89 -15.06
C ASN D 115 13.46 2.00 -14.94
N LEU D 116 13.92 3.21 -14.63
CA LEU D 116 13.04 4.31 -14.31
C LEU D 116 13.01 5.34 -15.44
N LEU D 117 14.11 6.05 -15.63
CA LEU D 117 14.19 7.11 -16.64
C LEU D 117 13.96 6.59 -18.07
N GLY D 118 14.60 5.47 -18.41
CA GLY D 118 14.40 4.84 -19.71
C GLY D 118 12.94 4.51 -19.98
N LEU D 119 12.28 3.92 -18.99
CA LEU D 119 10.85 3.58 -19.09
C LEU D 119 9.98 4.83 -19.28
N MET D 120 10.31 5.88 -18.54
CA MET D 120 9.59 7.15 -18.63
C MET D 120 9.80 7.83 -19.99
N TYR D 121 11.05 7.85 -20.46
CA TYR D 121 11.36 8.37 -21.80
C TYR D 121 10.56 7.64 -22.88
N MET D 122 10.57 6.31 -22.83
CA MET D 122 9.86 5.50 -23.83
C MET D 122 8.36 5.77 -23.79
N THR D 123 7.82 5.83 -22.57
CA THR D 123 6.40 6.12 -22.33
C THR D 123 6.01 7.47 -22.96
N ARG D 124 6.82 8.48 -22.70
CA ARG D 124 6.57 9.84 -23.20
C ARG D 124 6.60 9.91 -24.73
N ALA D 125 7.62 9.31 -25.33
CA ALA D 125 7.78 9.33 -26.79
C ALA D 125 6.66 8.56 -27.50
N ALA D 126 6.23 7.46 -26.90
CA ALA D 126 5.15 6.63 -27.46
C ALA D 126 3.78 7.25 -27.32
N LEU D 127 3.60 8.06 -26.27
CA LEU D 127 2.29 8.60 -25.88
C LEU D 127 1.46 9.25 -27.01
N PRO D 128 2.04 10.18 -27.82
CA PRO D 128 1.22 10.74 -28.89
C PRO D 128 0.62 9.66 -29.82
N HIS D 129 1.40 8.62 -30.11
CA HIS D 129 0.96 7.53 -30.98
C HIS D 129 -0.08 6.65 -30.29
N LEU D 130 0.12 6.37 -29.00
CA LEU D 130 -0.84 5.55 -28.25
C LEU D 130 -2.16 6.26 -28.08
N LEU D 131 -2.11 7.58 -27.92
CA LEU D 131 -3.31 8.41 -27.81
C LEU D 131 -4.18 8.31 -29.06
N ARG D 132 -3.54 8.34 -30.24
CA ARG D 132 -4.28 8.22 -31.49
C ARG D 132 -4.88 6.81 -31.69
N SER D 133 -4.14 5.78 -31.28
CA SER D 133 -4.58 4.40 -31.48
C SER D 133 -5.39 3.84 -30.31
N LYS D 134 -5.61 4.67 -29.28
CA LYS D 134 -6.25 4.21 -28.03
C LYS D 134 -5.54 2.93 -27.56
N GLY D 135 -4.22 2.98 -27.54
CA GLY D 135 -3.41 1.80 -27.30
C GLY D 135 -3.14 1.51 -25.84
N THR D 136 -2.19 0.60 -25.61
CA THR D 136 -1.88 0.11 -24.28
C THR D 136 -0.38 0.25 -24.01
N VAL D 137 -0.05 0.82 -22.86
CA VAL D 137 1.32 0.75 -22.37
C VAL D 137 1.41 -0.29 -21.25
N VAL D 138 2.30 -1.25 -21.43
CA VAL D 138 2.57 -2.29 -20.44
C VAL D 138 3.91 -2.01 -19.77
N GLN D 139 3.87 -1.80 -18.46
CA GLN D 139 5.07 -1.56 -17.65
C GLN D 139 5.53 -2.86 -17.00
N MET D 140 6.77 -3.24 -17.25
CA MET D 140 7.28 -4.44 -16.60
C MET D 140 7.88 -4.05 -15.25
N SER D 141 7.04 -4.15 -14.22
CA SER D 141 7.48 -3.86 -12.86
C SER D 141 7.97 -5.15 -12.25
N SER D 142 7.66 -5.38 -10.97
CA SER D 142 8.17 -6.52 -10.24
C SER D 142 7.46 -6.64 -8.90
N ILE D 143 7.59 -7.80 -8.27
CA ILE D 143 7.30 -7.95 -6.84
C ILE D 143 8.07 -6.87 -6.05
N ALA D 144 9.20 -6.45 -6.63
CA ALA D 144 10.07 -5.41 -6.07
C ALA D 144 9.41 -4.03 -6.07
N GLY D 145 8.30 -3.91 -6.81
CA GLY D 145 7.48 -2.70 -6.78
C GLY D 145 6.31 -2.80 -5.80
N ARG D 146 6.21 -3.92 -5.09
CA ARG D 146 5.11 -4.17 -4.16
C ARG D 146 5.60 -4.52 -2.75
N VAL D 147 6.79 -5.10 -2.66
CA VAL D 147 7.31 -5.68 -1.41
C VAL D 147 8.79 -5.37 -1.33
N ASN D 148 9.28 -4.94 -0.18
CA ASN D 148 10.70 -4.68 0.02
C ASN D 148 11.39 -5.79 0.81
N VAL D 149 12.49 -6.28 0.26
CA VAL D 149 13.39 -7.21 0.97
C VAL D 149 14.80 -6.62 1.01
N ARG D 150 15.61 -7.11 1.94
CA ARG D 150 17.00 -6.64 2.08
C ARG D 150 17.83 -6.80 0.81
N ASN D 151 18.78 -5.90 0.63
CA ASN D 151 19.77 -5.94 -0.45
C ASN D 151 19.22 -5.64 -1.84
N ALA D 152 18.05 -5.01 -1.89
CA ALA D 152 17.44 -4.61 -3.14
C ALA D 152 16.90 -3.19 -3.07
N ALA D 153 17.49 -2.37 -2.20
CA ALA D 153 16.95 -1.03 -1.91
C ALA D 153 16.71 -0.17 -3.13
N VAL D 154 17.73 0.01 -3.98
CA VAL D 154 17.63 0.90 -5.12
C VAL D 154 16.82 0.28 -6.25
N TYR D 155 16.98 -1.01 -6.46
CA TYR D 155 16.13 -1.74 -7.40
C TYR D 155 14.65 -1.58 -7.03
N GLN D 156 14.34 -1.83 -5.76
CA GLN D 156 12.98 -1.62 -5.25
C GLN D 156 12.52 -0.18 -5.38
N ALA D 157 13.44 0.77 -5.13
CA ALA D 157 13.12 2.18 -5.36
C ALA D 157 12.67 2.41 -6.81
N THR D 158 13.40 1.86 -7.79
CA THR D 158 13.02 2.03 -9.20
C THR D 158 11.66 1.43 -9.54
N LYS D 159 11.38 0.23 -9.02
CA LYS D 159 10.12 -0.45 -9.35
C LYS D 159 8.89 0.14 -8.63
N PHE D 160 9.04 0.53 -7.37
CA PHE D 160 8.00 1.33 -6.70
C PHE D 160 7.77 2.65 -7.46
N GLY D 161 8.86 3.26 -7.93
CA GLY D 161 8.78 4.47 -8.74
C GLY D 161 8.03 4.27 -10.06
N VAL D 162 8.31 3.14 -10.72
CA VAL D 162 7.60 2.78 -11.94
C VAL D 162 6.09 2.67 -11.68
N ASN D 163 5.72 2.03 -10.58
CA ASN D 163 4.32 1.86 -10.23
C ASN D 163 3.59 3.18 -9.98
N ALA D 164 4.22 4.08 -9.23
CA ALA D 164 3.66 5.40 -8.95
C ALA D 164 3.56 6.22 -10.25
N PHE D 165 4.64 6.25 -11.02
CA PHE D 165 4.62 6.90 -12.34
C PHE D 165 3.44 6.37 -13.18
N SER D 166 3.25 5.06 -13.19
CA SER D 166 2.26 4.40 -14.04
C SER D 166 0.82 4.62 -13.58
N GLU D 167 0.58 4.57 -12.26
CA GLU D 167 -0.73 4.92 -11.72
C GLU D 167 -1.08 6.37 -12.04
N THR D 168 -0.11 7.26 -11.85
CA THR D 168 -0.33 8.67 -12.18
C THR D 168 -0.63 8.84 -13.67
N LEU D 169 0.18 8.19 -14.51
CA LEU D 169 -0.06 8.15 -15.96
C LEU D 169 -1.48 7.69 -16.28
N ARG D 170 -1.93 6.60 -15.66
CA ARG D 170 -3.30 6.10 -15.84
C ARG D 170 -4.31 7.20 -15.57
N GLN D 171 -4.18 7.88 -14.45
CA GLN D 171 -5.09 8.99 -14.13
C GLN D 171 -5.10 10.05 -15.23
N GLU D 172 -3.93 10.32 -15.81
CA GLU D 172 -3.75 11.37 -16.81
C GLU D 172 -4.29 11.02 -18.20
N VAL D 173 -4.23 9.75 -18.59
CA VAL D 173 -4.51 9.35 -19.99
C VAL D 173 -5.66 8.36 -20.18
N THR D 174 -6.10 7.74 -19.09
CA THR D 174 -7.11 6.68 -19.16
C THR D 174 -8.41 7.13 -19.84
N GLU D 175 -8.85 8.35 -19.56
CA GLU D 175 -10.09 8.88 -20.12
C GLU D 175 -10.04 9.10 -21.64
N ARG D 176 -8.82 9.21 -22.18
CA ARG D 176 -8.60 9.28 -23.62
C ARG D 176 -8.31 7.90 -24.22
N GLY D 177 -8.51 6.85 -23.43
CA GLY D 177 -8.48 5.49 -23.94
C GLY D 177 -7.12 4.84 -24.07
N VAL D 178 -6.11 5.42 -23.42
CA VAL D 178 -4.81 4.77 -23.31
C VAL D 178 -4.80 3.95 -22.04
N ARG D 179 -4.65 2.63 -22.19
CA ARG D 179 -4.68 1.72 -21.06
C ARG D 179 -3.29 1.56 -20.48
N VAL D 180 -3.20 1.64 -19.15
CA VAL D 180 -1.94 1.44 -18.45
C VAL D 180 -1.98 0.14 -17.65
N VAL D 181 -1.10 -0.76 -18.04
CA VAL D 181 -1.00 -2.11 -17.48
C VAL D 181 0.35 -2.25 -16.78
N VAL D 182 0.31 -2.72 -15.53
CA VAL D 182 1.54 -2.97 -14.79
C VAL D 182 1.66 -4.45 -14.44
N ILE D 183 2.73 -5.08 -14.94
CA ILE D 183 2.95 -6.48 -14.65
C ILE D 183 3.98 -6.59 -13.55
N GLU D 184 3.69 -7.41 -12.55
CA GLU D 184 4.55 -7.54 -11.36
C GLU D 184 4.92 -9.00 -11.14
N PRO D 185 5.96 -9.49 -11.83
CA PRO D 185 6.43 -10.85 -11.58
C PRO D 185 7.27 -11.00 -10.32
N GLY D 186 7.13 -12.16 -9.68
CA GLY D 186 8.12 -12.62 -8.73
C GLY D 186 9.23 -13.30 -9.50
N THR D 187 10.04 -14.10 -8.78
CA THR D 187 11.23 -14.74 -9.35
C THR D 187 10.93 -15.49 -10.65
N THR D 188 11.58 -15.03 -11.72
CA THR D 188 11.41 -15.57 -13.06
C THR D 188 12.79 -15.96 -13.62
N ASP D 189 12.85 -17.15 -14.23
CA ASP D 189 14.13 -17.71 -14.69
C ASP D 189 14.59 -17.04 -15.99
N THR D 190 15.41 -15.99 -15.82
CA THR D 190 15.95 -15.21 -16.94
C THR D 190 17.45 -14.96 -16.74
N GLU D 191 18.05 -14.17 -17.65
CA GLU D 191 19.44 -13.75 -17.52
C GLU D 191 19.64 -12.63 -16.47
N LEU D 192 18.54 -12.02 -16.02
CA LEU D 192 18.56 -10.85 -15.14
C LEU D 192 19.61 -10.91 -14.02
N ARG D 193 19.62 -12.02 -13.26
CA ARG D 193 20.45 -12.13 -12.06
C ARG D 193 21.95 -12.25 -12.35
N GLY D 194 22.30 -12.66 -13.57
CA GLY D 194 23.70 -12.78 -13.99
C GLY D 194 24.46 -11.47 -13.95
N HIS D 195 23.73 -10.35 -13.90
CA HIS D 195 24.35 -9.02 -13.97
C HIS D 195 24.70 -8.39 -12.61
N ILE D 196 24.17 -8.93 -11.52
CA ILE D 196 24.49 -8.47 -10.15
C ILE D 196 26.01 -8.30 -9.96
N THR D 197 26.42 -7.09 -9.56
CA THR D 197 27.85 -6.77 -9.40
C THR D 197 28.39 -7.11 -8.01
N HIS D 198 27.52 -7.08 -7.00
CA HIS D 198 27.92 -7.47 -5.64
C HIS D 198 27.94 -9.00 -5.55
N THR D 199 29.15 -9.55 -5.52
CA THR D 199 29.35 -11.01 -5.62
C THR D 199 28.68 -11.80 -4.49
N ALA D 200 28.84 -11.32 -3.25
CA ALA D 200 28.24 -11.95 -2.07
C ALA D 200 26.72 -12.00 -2.15
N THR D 201 26.11 -10.90 -2.60
CA THR D 201 24.66 -10.83 -2.74
C THR D 201 24.16 -11.69 -3.93
N LYS D 202 24.89 -11.65 -5.03
CA LYS D 202 24.60 -12.51 -6.19
C LYS D 202 24.49 -13.98 -5.77
N GLU D 203 25.45 -14.45 -4.96
CA GLU D 203 25.43 -15.83 -4.48
C GLU D 203 24.33 -16.09 -3.46
N MET D 204 24.07 -15.11 -2.58
CA MET D 204 22.98 -15.19 -1.60
C MET D 204 21.62 -15.32 -2.29
N TYR D 205 21.42 -14.51 -3.33
CA TYR D 205 20.19 -14.51 -4.09
C TYR D 205 19.99 -15.83 -4.83
N GLU D 206 21.07 -16.32 -5.45
CA GLU D 206 21.05 -17.60 -6.15
C GLU D 206 20.62 -18.76 -5.25
N GLN D 207 21.15 -18.79 -4.03
CA GLN D 207 20.78 -19.83 -3.07
C GLN D 207 19.32 -19.68 -2.62
N ARG D 208 18.88 -18.43 -2.42
CA ARG D 208 17.51 -18.11 -2.00
C ARG D 208 16.46 -18.67 -2.97
N ILE D 209 16.75 -18.55 -4.27
CA ILE D 209 15.77 -18.90 -5.30
C ILE D 209 16.02 -20.30 -5.89
N SER D 210 17.01 -21.00 -5.35
CA SER D 210 17.39 -22.33 -5.82
C SER D 210 16.38 -23.41 -5.45
N GLN D 211 15.55 -23.15 -4.45
CA GLN D 211 14.67 -24.19 -3.91
C GLN D 211 13.20 -24.06 -4.32
N ILE D 212 12.93 -23.22 -5.31
CA ILE D 212 11.57 -23.00 -5.78
C ILE D 212 11.45 -23.31 -7.28
N ARG D 213 10.28 -23.72 -7.71
CA ARG D 213 9.94 -23.66 -9.14
C ARG D 213 9.74 -22.18 -9.47
N LYS D 214 10.63 -21.65 -10.30
CA LYS D 214 10.59 -20.24 -10.71
C LYS D 214 9.51 -20.04 -11.77
N LEU D 215 9.00 -18.82 -11.84
CA LEU D 215 8.15 -18.44 -12.95
C LEU D 215 8.97 -18.52 -14.23
N GLN D 216 8.31 -18.81 -15.35
CA GLN D 216 8.99 -18.87 -16.63
C GLN D 216 8.69 -17.59 -17.39
N ALA D 217 9.60 -17.22 -18.29
CA ALA D 217 9.43 -16.03 -19.14
C ALA D 217 8.09 -16.08 -19.87
N GLN D 218 7.72 -17.28 -20.32
CA GLN D 218 6.45 -17.53 -21.02
C GLN D 218 5.21 -17.28 -20.15
N ASP D 219 5.31 -17.54 -18.84
CA ASP D 219 4.23 -17.24 -17.90
C ASP D 219 3.95 -15.75 -17.89
N ILE D 220 5.01 -14.95 -17.88
CA ILE D 220 4.87 -13.48 -17.80
C ILE D 220 4.33 -12.94 -19.14
N ALA D 221 4.80 -13.52 -20.24
CA ALA D 221 4.30 -13.19 -21.58
C ALA D 221 2.79 -13.44 -21.67
N GLU D 222 2.35 -14.53 -21.05
CA GLU D 222 0.95 -14.87 -20.99
C GLU D 222 0.12 -13.83 -20.20
N ALA D 223 0.69 -13.33 -19.10
CA ALA D 223 0.08 -12.25 -18.34
C ALA D 223 -0.10 -11.00 -19.19
N VAL D 224 0.96 -10.61 -19.92
CA VAL D 224 0.90 -9.49 -20.87
C VAL D 224 -0.18 -9.74 -21.93
N ARG D 225 -0.18 -10.94 -22.52
CA ARG D 225 -1.16 -11.30 -23.55
C ARG D 225 -2.61 -11.19 -23.02
N TYR D 226 -2.85 -11.74 -21.83
CA TYR D 226 -4.16 -11.60 -21.18
C TYR D 226 -4.57 -10.13 -21.03
N ALA D 227 -3.65 -9.30 -20.53
CA ALA D 227 -3.93 -7.88 -20.30
C ALA D 227 -4.24 -7.10 -21.56
N VAL D 228 -3.45 -7.31 -22.62
CA VAL D 228 -3.58 -6.51 -23.84
C VAL D 228 -4.73 -6.98 -24.74
N THR D 229 -5.15 -8.24 -24.60
CA THR D 229 -6.28 -8.76 -25.39
C THR D 229 -7.63 -8.58 -24.68
N ALA D 230 -7.60 -8.08 -23.44
CA ALA D 230 -8.83 -7.73 -22.74
C ALA D 230 -9.57 -6.63 -23.49
N PRO D 231 -10.91 -6.60 -23.41
CA PRO D 231 -11.70 -5.58 -24.13
C PRO D 231 -11.23 -4.17 -23.74
N HIS D 232 -11.31 -3.23 -24.67
CA HIS D 232 -10.77 -1.88 -24.43
C HIS D 232 -11.33 -1.17 -23.18
N HIS D 233 -12.58 -1.46 -22.85
CA HIS D 233 -13.25 -0.88 -21.67
C HIS D 233 -12.66 -1.37 -20.33
N ALA D 234 -11.80 -2.39 -20.40
CA ALA D 234 -11.15 -2.95 -19.22
C ALA D 234 -9.67 -2.66 -19.23
N THR D 235 -9.18 -2.04 -18.18
CA THR D 235 -7.75 -1.89 -17.98
C THR D 235 -7.30 -2.81 -16.86
N VAL D 236 -6.54 -3.85 -17.22
CA VAL D 236 -5.94 -4.73 -16.22
C VAL D 236 -4.72 -3.99 -15.68
N HIS D 237 -4.96 -3.14 -14.69
CA HIS D 237 -3.94 -2.22 -14.25
C HIS D 237 -2.78 -2.91 -13.53
N GLU D 238 -3.05 -4.00 -12.83
CA GLU D 238 -2.00 -4.73 -12.11
C GLU D 238 -2.26 -6.22 -12.17
N ILE D 239 -1.22 -6.96 -12.54
CA ILE D 239 -1.19 -8.41 -12.36
C ILE D 239 0.04 -8.72 -11.52
N PHE D 240 -0.19 -9.28 -10.36
CA PHE D 240 0.89 -9.59 -9.43
C PHE D 240 0.96 -11.10 -9.43
N ILE D 241 2.00 -11.62 -10.07
CA ILE D 241 2.15 -13.05 -10.22
C ILE D 241 3.41 -13.54 -9.48
N ARG D 242 3.21 -14.49 -8.57
CA ARG D 242 4.25 -14.98 -7.68
C ARG D 242 4.50 -16.46 -7.90
N PRO D 243 5.73 -16.92 -7.62
CA PRO D 243 5.92 -18.38 -7.61
C PRO D 243 5.14 -18.96 -6.43
N THR D 244 4.35 -19.99 -6.73
CA THR D 244 3.56 -20.72 -5.74
C THR D 244 4.43 -21.27 -4.60
N ASP D 245 5.66 -21.64 -4.91
CA ASP D 245 6.56 -22.25 -3.93
C ASP D 245 7.17 -21.24 -2.95
N GLN D 246 7.00 -19.96 -3.23
CA GLN D 246 7.72 -18.90 -2.52
C GLN D 246 6.83 -18.08 -1.58
N VAL D 247 7.11 -18.18 -0.28
CA VAL D 247 6.43 -17.32 0.70
C VAL D 247 6.86 -15.87 0.43
PA NDP E . -4.25 -5.03 26.55
O1A NDP E . -4.90 -6.37 26.55
O2A NDP E . -3.45 -4.78 27.78
O5B NDP E . -5.37 -3.90 26.41
C5B NDP E . -6.59 -4.16 25.73
C4B NDP E . -7.64 -3.32 26.41
O4B NDP E . -8.88 -3.45 25.75
C3B NDP E . -7.84 -3.78 27.83
O3B NDP E . -7.98 -2.61 28.62
C2B NDP E . -9.14 -4.55 27.80
O2B NDP E . -9.78 -4.32 29.03
C1B NDP E . -9.88 -3.85 26.68
N9A NDP E . -10.91 -4.62 25.99
C8A NDP E . -10.79 -5.83 25.34
N7A NDP E . -12.01 -6.15 24.81
C5A NDP E . -12.88 -5.16 25.11
C6A NDP E . -14.23 -4.96 24.82
N6A NDP E . -14.92 -5.86 24.13
N1A NDP E . -14.86 -3.81 25.27
C2A NDP E . -14.16 -2.86 25.99
N3A NDP E . -12.83 -3.07 26.29
C4A NDP E . -12.20 -4.20 25.84
O3 NDP E . -3.37 -4.92 25.20
PN NDP E . -2.92 -3.56 24.45
O1N NDP E . -1.70 -3.91 23.68
O2N NDP E . -2.90 -2.43 25.39
O5D NDP E . -4.10 -3.42 23.37
C5D NDP E . -4.74 -2.19 23.12
C4D NDP E . -4.74 -1.92 21.62
O4D NDP E . -3.41 -1.85 21.15
C3D NDP E . -5.44 -3.00 20.79
O3D NDP E . -6.28 -2.40 19.83
C2D NDP E . -4.30 -3.70 20.08
O2D NDP E . -4.70 -4.30 18.87
C1D NDP E . -3.37 -2.51 19.90
N1N NDP E . -2.01 -2.89 19.54
C2N NDP E . -1.20 -3.57 20.42
C3N NDP E . 0.14 -3.83 20.11
C7N NDP E . 1.02 -4.58 21.06
O7N NDP E . 2.15 -5.26 20.58
N7N NDP E . 0.71 -4.60 22.36
C4N NDP E . 0.74 -3.36 18.82
C5N NDP E . -0.23 -2.64 17.95
C6N NDP E . -1.56 -2.42 18.33
P2B NDP E . -10.98 -5.20 29.61
O1X NDP E . -11.13 -4.71 31.03
O2X NDP E . -12.23 -4.95 28.82
O3X NDP E . -10.64 -6.68 29.54
O2 J01 F . 1.62 -11.32 14.73
C5 J01 F . 1.45 -10.14 14.46
C4 J01 F . 0.29 -9.44 13.83
C3 J01 F . 1.14 -8.21 14.15
N1 J01 F . 2.27 -9.02 14.66
O1 J01 F . 0.57 -7.45 15.22
C1 J01 F . 1.40 -7.73 16.38
C2 J01 F . 2.50 -8.68 16.08
C8 J01 F . 3.83 -8.03 16.28
O5 J01 F . 4.28 -7.99 17.45
O4 J01 F . 4.41 -7.55 15.28
C6 J01 F . 1.24 -7.20 17.60
C7 J01 F . 0.16 -6.26 18.02
O3 J01 F . -0.55 -5.70 16.92
PA NDP G . 11.88 24.66 -0.40
O1A NDP G . 12.14 24.97 -1.82
O2A NDP G . 11.63 25.85 0.45
O5B NDP G . 13.14 23.85 0.16
C5B NDP G . 13.91 23.03 -0.69
C4B NDP G . 15.35 23.07 -0.21
O4B NDP G . 16.14 22.15 -0.93
C3B NDP G . 15.97 24.45 -0.40
O3B NDP G . 16.57 24.81 0.81
C2B NDP G . 17.00 24.27 -1.51
O2B NDP G . 18.13 25.02 -1.18
C1B NDP G . 17.32 22.79 -1.39
N9A NDP G . 17.82 22.12 -2.61
C8A NDP G . 17.16 21.93 -3.80
N7A NDP G . 17.99 21.25 -4.63
C5A NDP G . 19.15 21.00 -3.97
C6A NDP G . 20.33 20.34 -4.34
N6A NDP G . 20.43 19.73 -5.52
N1A NDP G . 21.37 20.25 -3.41
C2A NDP G . 21.24 20.80 -2.14
N3A NDP G . 20.08 21.45 -1.78
C4A NDP G . 19.05 21.54 -2.69
O3 NDP G . 10.61 23.65 -0.35
PN NDP G . 10.29 22.64 0.87
O1N NDP G . 8.84 22.35 0.82
O2N NDP G . 10.90 23.16 2.12
O5D NDP G . 11.05 21.31 0.39
C5D NDP G . 11.88 20.52 1.21
C4D NDP G . 11.48 19.03 1.13
O4D NDP G . 10.15 18.85 1.58
C3D NDP G . 11.56 18.43 -0.27
O3D NDP G . 12.16 17.15 -0.16
C2D NDP G . 10.10 18.29 -0.67
O2D NDP G . 9.91 17.28 -1.64
C1D NDP G . 9.45 18.00 0.68
N1N NDP G . 8.00 18.24 0.74
C2N NDP G . 7.45 19.49 0.61
C3N NDP G . 6.08 19.72 0.80
C7N NDP G . 5.49 21.08 0.62
O7N NDP G . 4.09 21.12 0.36
N7N NDP G . 6.25 22.18 0.69
C4N NDP G . 5.15 18.60 1.17
C5N NDP G . 5.85 17.30 1.28
C6N NDP G . 7.22 17.18 1.08
P2B NDP G . 19.18 25.61 -2.26
O1X NDP G . 19.89 26.70 -1.50
O2X NDP G . 20.12 24.52 -2.68
O3X NDP G . 18.47 26.16 -3.49
O2 J01 H . 0.75 17.69 -6.63
C5 J01 H . 1.13 16.99 -5.72
C4 J01 H . 2.11 15.85 -5.69
C3 J01 H . 1.79 15.92 -4.19
N1 J01 H . 0.77 16.99 -4.36
O1 J01 H . 2.90 16.45 -3.47
C1 J01 H . 2.56 17.83 -3.15
C2 J01 H . 1.20 18.19 -3.63
C8 J01 H . 0.28 18.50 -2.50
O5 J01 H . 0.32 19.67 -2.01
O4 J01 H . -0.49 17.59 -2.08
C6 J01 H . 3.35 18.71 -2.50
C7 J01 H . 4.73 18.44 -1.99
O3 J01 H . 4.98 17.05 -1.81
PA NDP I . -24.58 -9.25 -7.22
O1A NDP I . -25.50 -8.66 -6.23
O2A NDP I . -25.20 -9.51 -8.56
O5B NDP I . -23.96 -10.63 -6.67
C5B NDP I . -23.95 -10.93 -5.30
C4B NDP I . -24.08 -12.44 -5.15
O4B NDP I . -23.79 -12.84 -3.83
C3B NDP I . -25.50 -12.87 -5.43
O3B NDP I . -25.45 -14.08 -6.15
C2B NDP I . -26.11 -13.14 -4.08
O2B NDP I . -27.07 -14.15 -4.21
C1B NDP I . -24.88 -13.57 -3.30
N9A NDP I . -24.99 -13.33 -1.85
C8A NDP I . -25.17 -12.13 -1.22
N7A NDP I . -25.21 -12.37 0.11
C5A NDP I . -25.05 -13.70 0.33
C6A NDP I . -25.01 -14.47 1.48
N6A NDP I . -25.23 -13.95 2.68
N1A NDP I . -24.82 -15.84 1.36
C2A NDP I . -24.67 -16.44 0.12
N3A NDP I . -24.72 -15.66 -1.02
C4A NDP I . -24.90 -14.31 -0.91
O3 NDP I . -23.31 -8.26 -7.33
PN NDP I . -21.81 -8.71 -7.74
O1N NDP I . -21.11 -7.47 -8.17
O2N NDP I . -21.90 -9.85 -8.70
O5D NDP I . -21.21 -9.19 -6.34
C5D NDP I . -20.33 -10.30 -6.28
C4D NDP I . -18.99 -9.89 -5.67
O4D NDP I . -18.27 -9.00 -6.52
C3D NDP I . -19.14 -9.19 -4.32
O3D NDP I . -18.27 -9.79 -3.39
C2D NDP I . -18.70 -7.76 -4.60
O2D NDP I . -18.15 -7.15 -3.45
C1D NDP I . -17.69 -7.98 -5.72
N1N NDP I . -17.43 -6.76 -6.50
C2N NDP I . -18.42 -6.16 -7.23
C3N NDP I . -18.14 -5.07 -8.05
C7N NDP I . -19.23 -4.41 -8.83
O7N NDP I . -18.98 -3.11 -9.35
N7N NDP I . -20.38 -5.05 -9.00
C4N NDP I . -16.75 -4.50 -8.17
C5N NDP I . -15.76 -5.25 -7.34
C6N NDP I . -16.14 -6.32 -6.55
P2B NDP I . -28.29 -14.37 -3.17
O1X NDP I . -29.25 -15.32 -3.84
O2X NDP I . -27.77 -15.01 -1.93
O3X NDP I . -28.94 -13.04 -2.84
O2 J01 J . -17.90 3.22 -3.86
C5 J01 J . -17.03 2.39 -4.00
C4 J01 J . -16.34 1.50 -3.02
C3 J01 J . -15.75 0.91 -4.30
N1 J01 J . -16.37 1.95 -5.16
O1 J01 J . -16.33 -0.35 -4.59
C1 J01 J . -17.19 -0.14 -5.74
C2 J01 J . -17.27 1.31 -6.12
C8 J01 J . -16.80 1.57 -7.52
O5 J01 J . -17.61 1.34 -8.45
O4 J01 J . -15.63 2.03 -7.68
C6 J01 J . -17.86 -1.11 -6.38
C7 J01 J . -17.83 -2.56 -6.00
O3 J01 J . -16.75 -2.93 -5.14
PA NDP K . 17.00 -10.24 -18.84
O1A NDP K . 18.38 -9.81 -18.48
O2A NDP K . 16.96 -11.52 -19.60
O5B NDP K . 16.28 -9.09 -19.69
C5B NDP K . 16.69 -7.76 -19.62
C4B NDP K . 16.49 -7.20 -21.01
O4B NDP K . 16.57 -5.79 -20.99
C3B NDP K . 17.57 -7.72 -21.95
O3B NDP K . 16.96 -8.14 -23.16
C2B NDP K . 18.45 -6.51 -22.18
O2B NDP K . 18.89 -6.52 -23.51
C1B NDP K . 17.51 -5.34 -21.95
N9A NDP K . 18.20 -4.13 -21.50
C8A NDP K . 18.97 -3.96 -20.38
N7A NDP K . 19.40 -2.69 -20.35
C5A NDP K . 18.92 -2.03 -21.43
C6A NDP K . 19.06 -0.72 -21.89
N6A NDP K . 19.90 0.13 -21.29
N1A NDP K . 18.42 -0.35 -23.06
C2A NDP K . 17.66 -1.27 -23.77
N3A NDP K . 17.53 -2.57 -23.32
C4A NDP K . 18.15 -2.94 -22.16
O3 NDP K . 16.13 -10.38 -17.48
PN NDP K . 14.53 -10.22 -17.41
O1N NDP K . 14.10 -10.79 -16.12
O2N NDP K . 13.90 -10.76 -18.66
O5D NDP K . 14.34 -8.62 -17.36
C5D NDP K . 13.22 -7.99 -17.96
C4D NDP K . 12.38 -7.16 -16.98
O4D NDP K . 11.65 -7.99 -16.08
C3D NDP K . 13.19 -6.19 -16.11
O3D NDP K . 12.53 -4.96 -16.13
C2D NDP K . 13.14 -6.82 -14.74
O2D NDP K . 13.24 -5.90 -13.68
C1D NDP K . 11.76 -7.47 -14.77
N1N NDP K . 11.58 -8.51 -13.75
C2N NDP K . 12.34 -9.65 -13.73
C3N NDP K . 12.06 -10.68 -12.83
C7N NDP K . 12.90 -11.92 -12.82
O7N NDP K . 12.94 -12.69 -11.63
N7N NDP K . 13.60 -12.25 -13.90
C4N NDP K . 10.92 -10.61 -11.84
C5N NDP K . 10.18 -9.31 -11.95
C6N NDP K . 10.53 -8.35 -12.89
P2B NDP K . 20.32 -5.94 -23.95
O1X NDP K . 20.60 -6.61 -25.27
O2X NDP K . 20.17 -4.45 -24.11
O3X NDP K . 21.39 -6.29 -22.93
O2 J01 L . 15.77 -9.41 -4.36
C5 J01 L . 14.67 -9.07 -4.80
C4 J01 L . 14.12 -7.71 -5.12
C3 J01 L . 12.98 -8.54 -5.70
N1 J01 L . 13.55 -9.82 -5.21
O1 J01 L . 13.02 -8.55 -7.13
C1 J01 L . 13.48 -9.87 -7.53
C2 J01 L . 13.79 -10.72 -6.34
C8 J01 L . 12.88 -11.92 -6.30
O5 J01 L . 13.15 -12.88 -7.08
O4 J01 L . 11.92 -11.94 -5.50
C6 J01 L . 13.61 -10.32 -8.79
C7 J01 L . 13.33 -9.50 -10.03
O3 J01 L . 12.37 -8.48 -9.81
#